data_5WDX
#
_entry.id   5WDX
#
_cell.length_a   72.312
_cell.length_b   89.415
_cell.length_c   98.714
_cell.angle_alpha   90.00
_cell.angle_beta   90.00
_cell.angle_gamma   90.00
#
_symmetry.space_group_name_H-M   'P 21 21 21'
#
loop_
_entity.id
_entity.type
_entity.pdbx_description
1 polymer 'JFH-1 NS3'
2 non-polymer 'ZINC ION'
3 non-polymer 'MAGNESIUM ION'
4 water water
#
_entity_poly.entity_id   1
_entity_poly.type   'polypeptide(L)'
_entity_poly.pdbx_seq_one_letter_code
;GCVSIIGRLHVNQRGSGSASITAYAQQTRGLLGAIVVSMTGRDRTEQAGEVQILSTVSQSFLGTTISGVLWTVYHGAGNK
TLAGLRGPVTQMYSSAEGDLVGWPSPPGTKSLEPCKCGAVDLYLVTRNADVIPARRRGDKRGALLSPRPISTLKGSSGGP
VLCPRGHVVGLFRAAVCSRGVAKSIDFIPVETLDVVTRSPTFSDNSTPPAVPQTYQVGYLHAPTGSGKSTKVPVAYAAQG
YKVLVLNPSVAATLGFGAYLSKAHGINPNIRTGVRTVMTGEAITYSTYGKFLADGGCASGAYDIIICDECHAVDATSILG
IGTVLDQAETAGVRLTVLATATPPGSVTTPHPDIEEVGLGREGEIPFYGRAIPLSCIKGGRHLIFCHSKKKCDELAAALR
GMGLNAVAYYRGLDVSIIPAQGDVVVVATDALMTGYTGDFDSVIDCNVAVTQAVDFSLDPTFTITTQTVPQDAVSRSQRR
GRTGRGRQGTYRYVSTGERASGMFDSVVLCECYDAGAAWYDLTPAETTVRLRAYFNTPGLPVCQDHLEFWEAVFTGLTHI
DAHFLSQTKQAGENFAYLVAYQATVCARAKAPPPSWDAMWKCLARLKPTLAGPTPLLYRLGPITNEVTLTHPGTKYIATC
MQADLEVMT
;
_entity_poly.pdbx_strand_id   A
#
loop_
_chem_comp.id
_chem_comp.type
_chem_comp.name
_chem_comp.formula
MG non-polymer 'MAGNESIUM ION' 'Mg 2'
ZN non-polymer 'ZINC ION' 'Zn 2'
#
# COMPACT_ATOMS: atom_id res chain seq x y z
N GLY A 1 -5.46 -16.75 8.61
CA GLY A 1 -4.35 -16.16 7.80
C GLY A 1 -2.99 -16.74 8.15
N CYS A 2 -2.86 -18.04 8.02
CA CYS A 2 -1.64 -18.72 8.29
C CYS A 2 -1.04 -19.15 6.99
N VAL A 3 0.25 -19.38 6.97
CA VAL A 3 0.92 -19.88 5.81
C VAL A 3 1.06 -21.39 6.02
N SER A 4 0.70 -22.16 5.02
CA SER A 4 0.82 -23.58 5.10
C SER A 4 1.75 -24.15 4.07
N ILE A 5 2.28 -25.33 4.34
CA ILE A 5 3.20 -25.99 3.42
C ILE A 5 2.43 -26.97 2.56
N ILE A 6 2.53 -26.82 1.23
CA ILE A 6 1.78 -27.66 0.30
C ILE A 6 2.72 -28.53 -0.54
N GLY A 7 4.02 -28.47 -0.26
CA GLY A 7 4.99 -29.26 -0.99
C GLY A 7 6.40 -28.96 -0.54
N ARG A 8 7.38 -29.59 -1.18
CA ARG A 8 8.77 -29.43 -0.77
C ARG A 8 9.74 -29.80 -1.89
N LEU A 9 10.95 -29.27 -1.80
CA LEU A 9 12.03 -29.62 -2.72
C LEU A 9 13.16 -30.32 -1.98
N HIS A 10 13.77 -31.31 -2.64
CA HIS A 10 14.98 -31.93 -2.13
C HIS A 10 16.14 -31.46 -2.98
N VAL A 11 17.11 -30.80 -2.33
CA VAL A 11 18.20 -30.14 -3.02
C VAL A 11 19.52 -30.71 -2.55
N ASN A 12 20.14 -31.49 -3.40
CA ASN A 12 21.41 -32.07 -3.10
C ASN A 12 22.43 -31.94 -4.22
N GLN A 13 23.63 -32.42 -3.95
CA GLN A 13 24.74 -32.35 -4.89
C GLN A 13 24.95 -33.62 -5.74
N ARG A 14 25.22 -33.44 -7.04
CA ARG A 14 25.29 -34.59 -7.95
C ARG A 14 26.34 -35.61 -7.50
N ALA A 19 25.87 -29.19 -14.87
CA ALA A 19 25.51 -28.56 -13.56
C ALA A 19 25.49 -29.58 -12.44
N SER A 20 26.03 -29.21 -11.29
CA SER A 20 26.24 -30.16 -10.20
C SER A 20 25.08 -30.22 -9.20
N ILE A 21 24.11 -29.31 -9.34
CA ILE A 21 22.94 -29.34 -8.46
C ILE A 21 21.84 -30.17 -9.09
N THR A 22 21.22 -31.00 -8.26
CA THR A 22 20.00 -31.70 -8.63
C THR A 22 18.88 -31.33 -7.67
N ALA A 23 17.67 -31.18 -8.20
CA ALA A 23 16.51 -30.84 -7.39
C ALA A 23 15.34 -31.76 -7.74
N TYR A 24 14.51 -32.05 -6.75
CA TYR A 24 13.31 -32.84 -6.96
C TYR A 24 12.14 -32.21 -6.22
N ALA A 25 11.03 -32.02 -6.93
CA ALA A 25 9.86 -31.35 -6.36
C ALA A 25 8.76 -32.37 -6.05
N GLN A 26 7.90 -32.01 -5.10
CA GLN A 26 6.95 -32.95 -4.52
C GLN A 26 5.74 -32.21 -3.96
N GLN A 27 4.60 -32.33 -4.65
CA GLN A 27 3.35 -31.77 -4.15
C GLN A 27 2.79 -32.69 -3.07
N THR A 28 2.32 -32.12 -1.97
CA THR A 28 1.97 -32.90 -0.80
C THR A 28 0.60 -32.54 -0.22
N ARG A 29 -0.07 -31.54 -0.79
CA ARG A 29 -1.31 -31.06 -0.21
C ARG A 29 -2.09 -30.17 -1.16
N GLY A 30 -3.38 -30.47 -1.32
CA GLY A 30 -4.25 -29.73 -2.20
C GLY A 30 -4.93 -28.56 -1.53
N LEU A 31 -6.01 -28.09 -2.14
CA LEU A 31 -6.66 -26.84 -1.74
C LEU A 31 -7.45 -26.98 -0.45
N LEU A 32 -8.15 -28.09 -0.28
CA LEU A 32 -8.90 -28.32 0.95
C LEU A 32 -7.94 -28.29 2.14
N GLY A 33 -6.86 -29.06 2.04
CA GLY A 33 -5.88 -29.14 3.10
C GLY A 33 -5.27 -27.79 3.43
N ALA A 34 -4.95 -27.04 2.39
CA ALA A 34 -4.31 -25.74 2.57
C ALA A 34 -5.23 -24.77 3.31
N ILE A 35 -6.51 -24.76 2.95
CA ILE A 35 -7.49 -23.89 3.59
C ILE A 35 -7.64 -24.28 5.05
N VAL A 36 -7.79 -25.58 5.30
CA VAL A 36 -8.02 -26.06 6.66
C VAL A 36 -6.82 -25.74 7.53
N VAL A 37 -5.63 -26.13 7.08
CA VAL A 37 -4.41 -25.86 7.83
C VAL A 37 -4.27 -24.35 8.06
N SER A 38 -4.61 -23.57 7.03
CA SER A 38 -4.45 -22.13 7.10
C SER A 38 -5.41 -21.49 8.10
N MET A 39 -6.61 -22.07 8.22
CA MET A 39 -7.63 -21.53 9.11
C MET A 39 -7.40 -21.93 10.57
N THR A 40 -6.89 -23.14 10.77
CA THR A 40 -6.63 -23.64 12.12
C THR A 40 -5.24 -23.25 12.60
N GLY A 41 -4.32 -23.07 11.67
CA GLY A 41 -2.94 -22.76 12.02
C GLY A 41 -2.21 -23.95 12.57
N ARG A 42 -2.73 -25.14 12.29
CA ARG A 42 -2.18 -26.38 12.85
C ARG A 42 -1.81 -27.37 11.76
N ASP A 43 -0.59 -27.89 11.83
CA ASP A 43 -0.11 -28.90 10.89
C ASP A 43 0.59 -30.01 11.66
N ARG A 44 -0.04 -31.18 11.72
CA ARG A 44 0.41 -32.27 12.58
C ARG A 44 1.35 -33.25 11.88
N THR A 45 1.56 -33.06 10.59
CA THR A 45 2.31 -34.04 9.80
C THR A 45 3.82 -33.76 9.81
N GLU A 46 4.59 -34.78 9.44
CA GLU A 46 6.04 -34.69 9.37
C GLU A 46 6.46 -33.75 8.25
N GLN A 47 7.60 -33.09 8.41
CA GLN A 47 8.13 -32.20 7.40
C GLN A 47 9.50 -32.68 6.93
N ALA A 48 9.92 -32.23 5.75
CA ALA A 48 11.20 -32.65 5.21
C ALA A 48 11.70 -31.68 4.14
N GLY A 49 12.94 -31.88 3.71
CA GLY A 49 13.49 -31.14 2.59
C GLY A 49 14.22 -29.86 2.97
N GLU A 50 14.88 -29.26 1.97
CA GLU A 50 15.67 -28.05 2.17
C GLU A 50 14.89 -26.80 1.80
N VAL A 51 13.89 -26.97 0.94
CA VAL A 51 13.04 -25.88 0.50
C VAL A 51 11.59 -26.30 0.65
N GLN A 52 10.74 -25.36 1.10
CA GLN A 52 9.32 -25.62 1.27
C GLN A 52 8.50 -24.84 0.27
N ILE A 53 7.48 -25.48 -0.30
CA ILE A 53 6.52 -24.80 -1.14
C ILE A 53 5.41 -24.28 -0.23
N LEU A 54 5.28 -22.95 -0.17
CA LEU A 54 4.37 -22.31 0.76
C LEU A 54 3.12 -21.83 0.05
N SER A 55 2.05 -21.66 0.81
CA SER A 55 0.78 -21.25 0.23
C SER A 55 -0.02 -20.37 1.17
N THR A 56 -0.69 -19.39 0.60
CA THR A 56 -1.68 -18.59 1.32
C THR A 56 -3.03 -18.81 0.63
N VAL A 57 -3.21 -20.04 0.15
CA VAL A 57 -4.42 -20.46 -0.54
C VAL A 57 -4.59 -19.85 -1.94
N SER A 58 -4.69 -18.53 -2.00
CA SER A 58 -4.72 -17.83 -3.29
C SER A 58 -3.39 -17.98 -4.02
N GLN A 59 -2.32 -17.54 -3.37
CA GLN A 59 -1.02 -17.49 -4.01
C GLN A 59 -0.06 -18.53 -3.42
N SER A 60 1.06 -18.73 -4.10
CA SER A 60 2.05 -19.73 -3.69
C SER A 60 3.46 -19.23 -3.92
N PHE A 61 4.39 -19.67 -3.08
CA PHE A 61 5.79 -19.27 -3.21
C PHE A 61 6.68 -20.24 -2.44
N LEU A 62 7.97 -19.91 -2.32
CA LEU A 62 8.95 -20.82 -1.72
C LEU A 62 9.54 -20.29 -0.43
N GLY A 63 10.15 -21.20 0.32
CA GLY A 63 10.92 -20.86 1.51
C GLY A 63 12.12 -21.77 1.64
N THR A 64 13.27 -21.18 1.94
CA THR A 64 14.51 -21.93 2.12
C THR A 64 14.94 -21.90 3.59
N THR A 65 15.30 -23.06 4.15
CA THR A 65 15.78 -23.06 5.53
C THR A 65 17.30 -23.02 5.53
N ILE A 66 17.82 -22.04 6.25
CA ILE A 66 19.26 -21.85 6.41
C ILE A 66 19.53 -21.64 7.89
N SER A 67 20.43 -22.44 8.46
CA SER A 67 20.76 -22.32 9.88
C SER A 67 19.53 -22.45 10.77
N GLY A 68 18.67 -23.41 10.47
CA GLY A 68 17.52 -23.69 11.31
C GLY A 68 16.38 -22.68 11.21
N VAL A 69 16.49 -21.74 10.28
CA VAL A 69 15.46 -20.73 10.06
C VAL A 69 14.87 -20.89 8.66
N LEU A 70 13.55 -20.99 8.58
CA LEU A 70 12.89 -21.03 7.28
C LEU A 70 12.66 -19.61 6.76
N TRP A 71 13.47 -19.22 5.77
CA TRP A 71 13.40 -17.87 5.22
C TRP A 71 12.50 -17.79 4.00
N THR A 72 11.80 -16.67 3.86
CA THR A 72 11.04 -16.40 2.64
C THR A 72 10.89 -14.88 2.47
N VAL A 73 10.18 -14.48 1.42
CA VAL A 73 10.04 -13.06 1.09
C VAL A 73 8.87 -12.44 1.83
N TYR A 74 8.98 -11.14 2.10
CA TYR A 74 7.91 -10.41 2.77
C TYR A 74 6.74 -10.13 1.83
N HIS A 75 7.04 -9.93 0.55
CA HIS A 75 5.99 -9.59 -0.40
C HIS A 75 5.07 -10.78 -0.66
N GLY A 76 5.40 -11.93 -0.09
CA GLY A 76 4.56 -13.12 -0.19
C GLY A 76 3.89 -13.49 1.11
N ALA A 77 4.64 -13.39 2.22
CA ALA A 77 4.14 -13.88 3.51
C ALA A 77 3.67 -12.76 4.43
N GLY A 78 4.16 -11.56 4.24
CA GLY A 78 3.77 -10.45 5.08
C GLY A 78 4.15 -10.65 6.52
N ASN A 79 3.21 -10.45 7.40
CA ASN A 79 3.44 -10.63 8.81
C ASN A 79 2.79 -11.91 9.34
N LYS A 80 2.40 -12.78 8.46
CA LYS A 80 1.73 -14.00 8.84
C LYS A 80 2.51 -15.07 9.59
N THR A 81 1.80 -15.82 10.41
CA THR A 81 2.41 -16.92 11.12
C THR A 81 2.49 -18.15 10.21
N LEU A 82 3.26 -19.14 10.63
CA LEU A 82 3.38 -20.41 9.92
C LEU A 82 2.68 -21.53 10.70
N ALA A 83 1.84 -22.31 10.02
CA ALA A 83 1.15 -23.41 10.68
C ALA A 83 2.16 -24.37 11.29
N GLY A 84 1.90 -24.81 12.52
CA GLY A 84 2.84 -25.66 13.23
C GLY A 84 2.21 -26.82 13.98
N LEU A 85 3.06 -27.72 14.45
CA LEU A 85 2.66 -28.88 15.23
C LEU A 85 1.63 -28.55 16.32
N ARG A 86 1.89 -27.45 17.04
CA ARG A 86 1.07 -27.07 18.18
C ARG A 86 0.06 -26.00 17.81
N GLY A 87 0.28 -25.34 16.69
CA GLY A 87 -0.53 -24.20 16.30
C GLY A 87 0.33 -23.20 15.58
N PRO A 88 -0.15 -21.95 15.46
CA PRO A 88 0.58 -20.94 14.68
C PRO A 88 1.96 -20.64 15.24
N VAL A 89 2.94 -20.47 14.34
CA VAL A 89 4.29 -20.09 14.73
C VAL A 89 4.56 -18.66 14.28
N THR A 90 4.95 -17.80 15.22
CA THR A 90 5.21 -16.40 14.89
C THR A 90 6.59 -16.23 14.27
N GLN A 91 6.75 -15.15 13.51
CA GLN A 91 8.01 -14.88 12.83
C GLN A 91 9.11 -14.56 13.84
N MET A 92 10.31 -15.04 13.55
CA MET A 92 11.47 -14.80 14.39
C MET A 92 12.25 -13.59 13.88
N TYR A 93 12.12 -13.34 12.58
CA TYR A 93 12.71 -12.16 11.94
C TYR A 93 11.74 -11.61 10.90
N SER A 94 11.81 -10.31 10.66
CA SER A 94 10.87 -9.65 9.77
C SER A 94 11.39 -8.29 9.33
N SER A 95 11.59 -8.12 8.03
CA SER A 95 12.12 -6.87 7.49
C SER A 95 11.50 -6.58 6.12
N ALA A 96 10.50 -5.71 6.10
CA ALA A 96 9.87 -5.30 4.85
C ALA A 96 10.88 -4.58 3.96
N GLU A 97 11.83 -3.90 4.59
CA GLU A 97 12.83 -3.11 3.87
C GLU A 97 13.80 -4.05 3.17
N GLY A 98 14.04 -5.21 3.78
CA GLY A 98 14.85 -6.24 3.17
C GLY A 98 14.02 -7.27 2.40
N ASP A 99 12.71 -7.07 2.37
CA ASP A 99 11.79 -8.01 1.72
C ASP A 99 12.06 -9.42 2.25
N LEU A 100 12.17 -9.54 3.56
CA LEU A 100 12.63 -10.77 4.17
C LEU A 100 11.80 -11.14 5.41
N VAL A 101 11.61 -12.43 5.60
CA VAL A 101 10.84 -12.94 6.73
C VAL A 101 11.42 -14.30 7.14
N GLY A 102 11.39 -14.60 8.42
CA GLY A 102 11.89 -15.84 8.91
C GLY A 102 11.20 -16.45 10.10
N TRP A 103 10.96 -17.74 10.04
CA TRP A 103 10.37 -18.47 11.11
C TRP A 103 11.32 -19.57 11.51
N PRO A 104 11.08 -20.13 12.74
CA PRO A 104 11.90 -21.28 13.09
C PRO A 104 11.50 -22.44 12.16
N SER A 105 12.46 -23.13 11.57
CA SER A 105 12.18 -24.15 10.56
C SER A 105 11.54 -25.38 11.19
N PRO A 106 10.44 -25.87 10.58
CA PRO A 106 9.78 -27.08 11.11
C PRO A 106 10.73 -28.24 11.32
N PRO A 107 10.60 -28.98 12.44
CA PRO A 107 11.44 -30.17 12.59
C PRO A 107 11.30 -31.16 11.43
N GLY A 108 12.39 -31.82 11.08
CA GLY A 108 12.42 -32.72 9.93
C GLY A 108 13.03 -32.05 8.71
N THR A 109 13.04 -30.72 8.71
CA THR A 109 13.61 -29.96 7.60
C THR A 109 15.13 -29.92 7.71
N LYS A 110 15.78 -29.76 6.55
CA LYS A 110 17.23 -29.70 6.49
C LYS A 110 17.71 -28.32 6.05
N SER A 111 18.84 -27.89 6.60
CA SER A 111 19.42 -26.60 6.28
C SER A 111 20.41 -26.66 5.13
N LEU A 112 20.48 -25.57 4.39
CA LEU A 112 21.57 -25.35 3.45
C LEU A 112 22.56 -24.41 4.12
N GLU A 113 23.81 -24.43 3.67
CA GLU A 113 24.83 -23.57 4.28
C GLU A 113 25.06 -22.32 3.44
N PRO A 114 25.27 -21.17 4.09
CA PRO A 114 25.57 -19.95 3.32
C PRO A 114 26.88 -20.05 2.56
N CYS A 115 26.95 -19.38 1.41
CA CYS A 115 28.15 -19.39 0.58
C CYS A 115 29.17 -18.37 1.08
N LYS A 116 30.41 -18.81 1.26
CA LYS A 116 31.50 -17.93 1.66
C LYS A 116 32.71 -18.13 0.75
N CYS A 117 32.47 -18.47 -0.51
CA CYS A 117 33.57 -18.70 -1.45
C CYS A 117 33.49 -17.75 -2.65
N GLY A 118 32.61 -16.76 -2.58
CA GLY A 118 32.48 -15.76 -3.63
C GLY A 118 32.44 -16.13 -5.10
N ALA A 119 31.63 -17.12 -5.44
CA ALA A 119 31.48 -17.57 -6.82
C ALA A 119 30.81 -16.59 -7.78
N VAL A 120 31.01 -16.80 -9.08
CA VAL A 120 30.36 -15.98 -10.09
C VAL A 120 29.25 -16.79 -10.75
N ASP A 121 29.46 -18.10 -10.86
CA ASP A 121 28.43 -18.99 -11.41
C ASP A 121 27.32 -19.20 -10.38
N LEU A 122 26.09 -18.87 -10.77
CA LEU A 122 24.95 -18.98 -9.87
C LEU A 122 23.90 -19.94 -10.43
N TYR A 123 23.09 -20.51 -9.54
CA TYR A 123 22.08 -21.49 -9.91
C TYR A 123 20.79 -21.31 -9.14
N LEU A 124 19.71 -21.01 -9.85
CA LEU A 124 18.40 -20.82 -9.24
C LEU A 124 17.58 -22.11 -9.31
N VAL A 125 16.99 -22.50 -8.18
CA VAL A 125 16.11 -23.65 -8.12
C VAL A 125 14.67 -23.15 -8.07
N THR A 126 13.88 -23.51 -9.08
CA THR A 126 12.49 -23.04 -9.17
C THR A 126 11.55 -23.94 -8.39
N ARG A 127 10.32 -23.54 -8.32
CA ARG A 127 9.32 -24.29 -7.63
C ARG A 127 9.05 -25.62 -8.31
N ASN A 128 9.50 -25.79 -9.53
CA ASN A 128 9.29 -27.03 -10.24
C ASN A 128 10.52 -27.89 -10.34
N ALA A 129 11.53 -27.52 -9.60
CA ALA A 129 12.78 -28.23 -9.55
C ALA A 129 13.66 -28.01 -10.76
N ASP A 130 13.44 -26.93 -11.48
CA ASP A 130 14.34 -26.56 -12.56
C ASP A 130 15.52 -25.80 -11.98
N VAL A 131 16.72 -26.08 -12.49
CA VAL A 131 17.91 -25.37 -12.07
C VAL A 131 18.35 -24.42 -13.18
N ILE A 132 18.26 -23.12 -12.92
CA ILE A 132 18.56 -22.12 -13.94
C ILE A 132 19.93 -21.49 -13.67
N PRO A 133 20.86 -21.60 -14.64
CA PRO A 133 22.19 -20.99 -14.44
C PRO A 133 22.24 -19.49 -14.71
N ALA A 134 23.12 -18.80 -13.99
CA ALA A 134 23.34 -17.36 -14.17
C ALA A 134 24.77 -17.00 -13.77
N ARG A 135 25.14 -15.75 -14.01
CA ARG A 135 26.43 -15.24 -13.57
C ARG A 135 26.23 -14.00 -12.72
N ARG A 136 27.05 -13.84 -11.68
CA ARG A 136 26.84 -12.77 -10.71
C ARG A 136 27.07 -11.39 -11.31
N ARG A 137 26.15 -10.49 -11.02
CA ARG A 137 26.25 -9.09 -11.44
C ARG A 137 26.19 -8.21 -10.21
N GLY A 138 27.34 -7.86 -9.66
CA GLY A 138 27.39 -7.07 -8.45
C GLY A 138 27.02 -7.85 -7.20
N ASP A 139 26.20 -7.25 -6.37
CA ASP A 139 25.85 -7.81 -5.09
C ASP A 139 24.60 -8.61 -4.92
N LYS A 140 23.56 -8.19 -5.58
CA LYS A 140 22.26 -8.77 -5.42
C LYS A 140 21.68 -9.34 -6.67
N ARG A 141 22.48 -9.56 -7.68
CA ARG A 141 21.91 -10.00 -8.94
C ARG A 141 22.73 -10.99 -9.74
N GLY A 142 22.10 -11.54 -10.77
CA GLY A 142 22.73 -12.47 -11.67
C GLY A 142 22.17 -12.38 -13.09
N ALA A 143 23.04 -12.47 -14.08
CA ALA A 143 22.62 -12.45 -15.48
C ALA A 143 22.40 -13.87 -16.00
N LEU A 144 21.17 -14.15 -16.43
CA LEU A 144 20.83 -15.47 -16.96
C LEU A 144 21.62 -15.80 -18.23
N LEU A 145 22.11 -17.02 -18.33
CA LEU A 145 22.78 -17.46 -19.56
C LEU A 145 21.77 -17.42 -20.70
N SER A 146 20.55 -17.87 -20.42
CA SER A 146 19.49 -17.90 -21.42
C SER A 146 18.30 -17.05 -20.96
N PRO A 147 18.06 -15.91 -21.63
CA PRO A 147 16.86 -15.13 -21.29
C PRO A 147 15.60 -15.96 -21.47
N ARG A 148 14.57 -15.67 -20.67
CA ARG A 148 13.39 -16.52 -20.61
C ARG A 148 12.15 -15.71 -20.28
N PRO A 149 10.96 -16.24 -20.58
CA PRO A 149 9.75 -15.51 -20.23
C PRO A 149 9.57 -15.34 -18.72
N ILE A 150 9.23 -14.13 -18.31
CA ILE A 150 9.05 -13.80 -16.90
C ILE A 150 8.04 -14.72 -16.23
N SER A 151 7.08 -15.21 -17.01
CA SER A 151 6.02 -16.06 -16.46
C SER A 151 6.56 -17.34 -15.85
N THR A 152 7.69 -17.81 -16.37
CA THR A 152 8.26 -19.07 -15.90
C THR A 152 8.90 -18.95 -14.51
N LEU A 153 9.11 -17.72 -14.06
CA LEU A 153 9.78 -17.49 -12.79
C LEU A 153 8.84 -17.09 -11.67
N LYS A 154 7.58 -16.83 -11.99
CA LYS A 154 6.59 -16.44 -10.98
C LYS A 154 6.23 -17.63 -10.11
N GLY A 155 6.10 -17.38 -8.81
CA GLY A 155 5.82 -18.44 -7.85
C GLY A 155 7.07 -19.04 -7.25
N SER A 156 8.24 -18.57 -7.68
CA SER A 156 9.51 -19.14 -7.23
C SER A 156 10.29 -18.20 -6.30
N SER A 157 9.70 -17.07 -5.95
CA SER A 157 10.34 -16.16 -5.00
C SER A 157 10.48 -16.87 -3.66
N GLY A 158 11.65 -16.72 -3.04
CA GLY A 158 11.96 -17.41 -1.81
C GLY A 158 12.85 -18.62 -2.02
N GLY A 159 12.98 -19.04 -3.28
CA GLY A 159 13.83 -20.16 -3.62
C GLY A 159 15.31 -19.82 -3.54
N PRO A 160 16.17 -20.83 -3.44
CA PRO A 160 17.59 -20.57 -3.27
C PRO A 160 18.36 -20.27 -4.54
N VAL A 161 19.31 -19.35 -4.45
CA VAL A 161 20.29 -19.12 -5.51
C VAL A 161 21.60 -19.72 -5.01
N LEU A 162 22.04 -20.79 -5.67
CA LEU A 162 23.16 -21.59 -5.18
C LEU A 162 24.46 -21.35 -5.93
N CYS A 163 25.57 -21.58 -5.24
CA CYS A 163 26.88 -21.64 -5.87
C CYS A 163 27.10 -23.07 -6.39
N PRO A 164 28.18 -23.30 -7.15
CA PRO A 164 28.43 -24.64 -7.71
C PRO A 164 28.67 -25.72 -6.66
N ARG A 165 28.84 -25.32 -5.40
CA ARG A 165 29.10 -26.27 -4.32
C ARG A 165 27.85 -26.55 -3.51
N GLY A 166 26.79 -25.78 -3.76
CA GLY A 166 25.51 -26.03 -3.12
C GLY A 166 25.22 -25.16 -1.93
N HIS A 167 26.10 -24.20 -1.65
CA HIS A 167 25.87 -23.24 -0.58
C HIS A 167 24.88 -22.21 -1.09
N VAL A 168 24.18 -21.53 -0.18
CA VAL A 168 23.21 -20.51 -0.58
C VAL A 168 23.93 -19.18 -0.76
N VAL A 169 23.81 -18.61 -1.95
CA VAL A 169 24.35 -17.29 -2.24
C VAL A 169 23.31 -16.23 -1.91
N GLY A 170 22.04 -16.56 -2.11
CA GLY A 170 20.96 -15.64 -1.80
C GLY A 170 19.57 -16.18 -2.10
N LEU A 171 18.56 -15.39 -1.75
CA LEU A 171 17.16 -15.78 -1.99
C LEU A 171 16.54 -15.01 -3.14
N PHE A 172 16.11 -15.74 -4.16
CA PHE A 172 15.40 -15.18 -5.30
C PHE A 172 14.18 -14.39 -4.84
N ARG A 173 14.06 -13.14 -5.30
CA ARG A 173 12.90 -12.33 -4.94
C ARG A 173 12.27 -11.58 -6.11
N ALA A 174 12.99 -11.45 -7.22
CA ALA A 174 12.44 -10.73 -8.38
C ALA A 174 13.27 -10.93 -9.66
N ALA A 175 12.66 -10.58 -10.78
CA ALA A 175 13.30 -10.68 -12.09
C ALA A 175 13.47 -9.31 -12.71
N VAL A 176 14.57 -9.10 -13.40
CA VAL A 176 14.85 -7.87 -14.08
C VAL A 176 14.51 -8.15 -15.53
N CYS A 177 13.53 -7.45 -16.04
CA CYS A 177 13.02 -7.68 -17.36
C CYS A 177 13.15 -6.61 -18.42
N SER A 178 13.01 -7.06 -19.65
CA SER A 178 12.98 -6.23 -20.80
C SER A 178 11.66 -6.62 -21.46
N ARG A 179 10.66 -5.80 -21.24
CA ARG A 179 9.30 -6.04 -21.76
C ARG A 179 8.92 -7.51 -21.77
N GLY A 180 8.87 -8.14 -20.60
CA GLY A 180 8.37 -9.49 -20.50
C GLY A 180 9.42 -10.58 -20.65
N VAL A 181 10.62 -10.19 -21.07
CA VAL A 181 11.74 -11.11 -21.11
C VAL A 181 12.59 -10.89 -19.86
N ALA A 182 12.76 -11.95 -19.07
CA ALA A 182 13.62 -11.87 -17.89
C ALA A 182 15.08 -12.00 -18.31
N LYS A 183 15.83 -10.91 -18.19
CA LYS A 183 17.23 -10.90 -18.56
C LYS A 183 18.11 -11.28 -17.37
N SER A 184 17.71 -10.86 -16.18
CA SER A 184 18.53 -11.05 -15.01
C SER A 184 17.72 -11.42 -13.76
N ILE A 185 18.44 -11.78 -12.71
CA ILE A 185 17.85 -12.29 -11.49
C ILE A 185 18.25 -11.38 -10.33
N ASP A 186 17.29 -11.07 -9.47
CA ASP A 186 17.54 -10.24 -8.28
C ASP A 186 17.26 -11.06 -7.02
N PHE A 187 18.17 -11.00 -6.05
CA PHE A 187 18.03 -11.81 -4.85
C PHE A 187 18.53 -11.12 -3.59
N ILE A 188 18.12 -11.67 -2.44
CA ILE A 188 18.55 -11.18 -1.14
C ILE A 188 19.81 -11.93 -0.74
N PRO A 189 20.97 -11.23 -0.68
CA PRO A 189 22.20 -11.94 -0.33
C PRO A 189 22.17 -12.54 1.07
N VAL A 190 22.88 -13.65 1.28
CA VAL A 190 22.92 -14.28 2.60
C VAL A 190 23.50 -13.33 3.64
N GLU A 191 24.32 -12.39 3.18
CA GLU A 191 24.91 -11.42 4.09
C GLU A 191 23.82 -10.54 4.71
N THR A 192 22.76 -10.30 3.96
CA THR A 192 21.62 -9.56 4.48
C THR A 192 20.91 -10.35 5.57
N LEU A 193 20.93 -11.67 5.46
CA LEU A 193 20.27 -12.52 6.45
C LEU A 193 20.98 -12.44 7.79
N ASP A 194 22.31 -12.39 7.76
CA ASP A 194 23.10 -12.27 8.99
C ASP A 194 22.84 -10.95 9.69
N VAL A 195 22.84 -9.86 8.94
CA VAL A 195 22.63 -8.53 9.51
C VAL A 195 21.26 -8.47 10.20
N VAL A 196 20.25 -9.09 9.57
CA VAL A 196 18.89 -9.03 10.09
C VAL A 196 18.77 -9.80 11.39
N THR A 197 19.60 -10.84 11.57
CA THR A 197 19.55 -11.65 12.78
C THR A 197 20.10 -10.89 14.00
N ARG A 198 20.31 -9.59 13.84
CA ARG A 198 20.71 -8.71 14.93
C ARG A 198 19.93 -7.40 14.88
N SER A 199 19.03 -7.21 15.84
CA SER A 199 18.23 -5.98 15.91
C SER A 199 18.56 -5.20 17.18
N SER A 203 12.80 -0.27 18.50
CA SER A 203 12.03 -0.83 19.59
C SER A 203 11.83 0.22 20.66
N ASP A 204 10.57 0.49 20.98
CA ASP A 204 10.16 1.50 21.95
C ASP A 204 10.29 2.90 21.40
N ASN A 205 9.15 3.45 21.02
CA ASN A 205 9.06 4.77 20.50
C ASN A 205 7.95 5.42 21.26
N SER A 206 7.37 4.69 22.20
CA SER A 206 6.21 5.12 22.97
C SER A 206 6.07 6.58 23.38
N THR A 207 7.19 7.26 23.60
CA THR A 207 7.15 8.62 24.12
C THR A 207 7.88 9.59 23.20
N PRO A 208 7.52 10.88 23.25
CA PRO A 208 8.04 11.86 22.28
C PRO A 208 9.56 11.99 22.30
N PRO A 209 10.20 11.97 21.12
CA PRO A 209 11.65 12.18 21.11
C PRO A 209 12.07 13.53 21.71
N ALA A 210 13.18 13.55 22.41
CA ALA A 210 13.74 14.81 22.90
C ALA A 210 14.28 15.60 21.71
N VAL A 211 14.42 16.90 21.88
CA VAL A 211 14.95 17.75 20.81
C VAL A 211 16.47 17.68 20.82
N PRO A 212 17.07 17.23 19.70
CA PRO A 212 18.53 17.08 19.66
C PRO A 212 19.24 18.39 19.33
N GLN A 213 20.56 18.38 19.39
CA GLN A 213 21.34 19.59 19.10
C GLN A 213 21.54 19.77 17.60
N THR A 214 21.58 18.66 16.86
CA THR A 214 21.64 18.70 15.41
C THR A 214 20.44 17.96 14.84
N TYR A 215 20.07 18.28 13.60
CA TYR A 215 18.88 17.69 12.97
C TYR A 215 18.88 16.17 13.07
N GLN A 216 17.72 15.62 13.43
CA GLN A 216 17.52 14.18 13.41
C GLN A 216 16.07 13.84 13.11
N VAL A 217 15.82 12.62 12.65
CA VAL A 217 14.48 12.11 12.51
C VAL A 217 14.16 11.23 13.70
N GLY A 218 13.01 11.46 14.32
CA GLY A 218 12.58 10.65 15.44
C GLY A 218 11.23 10.02 15.18
N TYR A 219 10.78 9.16 16.09
CA TYR A 219 9.55 8.39 15.88
C TYR A 219 8.66 8.43 17.12
N LEU A 220 7.35 8.44 16.88
CA LEU A 220 6.38 8.42 17.96
C LEU A 220 5.23 7.46 17.64
N HIS A 221 5.25 6.29 18.26
CA HIS A 221 4.21 5.28 18.04
C HIS A 221 3.26 5.23 19.24
N ALA A 222 2.15 5.96 19.13
CA ALA A 222 1.18 6.01 20.21
C ALA A 222 -0.26 6.10 19.66
N PRO A 223 -1.25 5.67 20.45
CA PRO A 223 -2.65 5.66 20.01
C PRO A 223 -3.18 7.00 19.52
N THR A 224 -4.31 6.96 18.82
CA THR A 224 -4.95 8.18 18.29
C THR A 224 -5.79 8.83 19.37
N GLY A 225 -5.68 10.15 19.49
CA GLY A 225 -6.37 10.89 20.53
C GLY A 225 -5.61 10.90 21.84
N SER A 226 -4.55 10.10 21.90
CA SER A 226 -3.74 9.99 23.10
C SER A 226 -3.07 11.33 23.46
N GLY A 227 -3.06 12.25 22.51
CA GLY A 227 -2.50 13.57 22.74
C GLY A 227 -1.25 13.86 21.92
N LYS A 228 -0.85 12.91 21.09
CA LYS A 228 0.34 13.07 20.27
C LYS A 228 0.17 14.23 19.29
N SER A 229 -1.08 14.60 19.00
CA SER A 229 -1.37 15.65 18.03
C SER A 229 -1.70 16.98 18.71
N THR A 230 -1.83 16.96 20.04
CA THR A 230 -2.23 18.15 20.78
C THR A 230 -1.31 18.39 21.98
N LYS A 231 -1.41 17.54 22.99
CA LYS A 231 -0.59 17.65 24.18
C LYS A 231 0.90 17.75 23.85
N VAL A 232 1.35 16.92 22.92
CA VAL A 232 2.77 16.81 22.62
C VAL A 232 3.31 18.09 21.95
N PRO A 233 2.61 18.60 20.93
CA PRO A 233 3.02 19.91 20.41
C PRO A 233 3.15 20.99 21.49
N VAL A 234 2.21 21.03 22.42
CA VAL A 234 2.22 22.04 23.46
C VAL A 234 3.46 21.88 24.35
N ALA A 235 3.80 20.63 24.65
CA ALA A 235 4.96 20.34 25.49
C ALA A 235 6.25 20.82 24.82
N TYR A 236 6.31 20.67 23.50
CA TYR A 236 7.46 21.15 22.74
C TYR A 236 7.52 22.67 22.75
N ALA A 237 6.37 23.31 22.52
CA ALA A 237 6.30 24.76 22.46
C ALA A 237 6.59 25.39 23.82
N ALA A 238 6.11 24.75 24.87
CA ALA A 238 6.29 25.26 26.22
C ALA A 238 7.77 25.26 26.62
N GLN A 239 8.58 24.54 25.85
CA GLN A 239 10.04 24.57 26.02
C GLN A 239 10.67 25.64 25.14
N GLY A 240 9.85 26.36 24.38
CA GLY A 240 10.33 27.49 23.60
C GLY A 240 10.50 27.24 22.11
N TYR A 241 10.03 26.11 21.62
CA TYR A 241 10.15 25.77 20.20
C TYR A 241 8.94 26.13 19.35
N LYS A 242 9.15 26.36 18.07
CA LYS A 242 8.08 26.62 17.11
C LYS A 242 7.73 25.27 16.47
N VAL A 243 6.46 24.92 16.45
CA VAL A 243 6.03 23.57 16.07
C VAL A 243 5.07 23.59 14.87
N LEU A 244 5.34 22.70 13.90
CA LEU A 244 4.45 22.49 12.76
C LEU A 244 3.87 21.08 12.81
N VAL A 245 2.54 20.98 12.77
CA VAL A 245 1.85 19.69 12.80
C VAL A 245 1.11 19.46 11.48
N LEU A 246 1.48 18.42 10.78
CA LEU A 246 0.89 18.08 9.52
C LEU A 246 0.00 16.85 9.53
N ASN A 247 -1.19 16.99 8.99
CA ASN A 247 -2.17 15.93 8.87
C ASN A 247 -2.74 15.79 7.48
N PRO A 248 -3.22 14.52 7.17
CA PRO A 248 -3.80 14.39 5.83
C PRO A 248 -5.16 15.07 5.58
N SER A 249 -6.06 15.07 6.54
CA SER A 249 -7.36 15.67 6.33
C SER A 249 -7.55 17.06 6.84
N VAL A 250 -8.45 17.76 6.18
CA VAL A 250 -8.84 19.09 6.58
C VAL A 250 -9.53 19.02 7.95
N ALA A 251 -10.40 18.03 8.11
CA ALA A 251 -11.21 17.90 9.31
C ALA A 251 -10.36 17.69 10.56
N ALA A 252 -9.32 16.89 10.43
CA ALA A 252 -8.42 16.64 11.55
C ALA A 252 -7.62 17.91 11.88
N THR A 253 -7.11 18.57 10.85
CA THR A 253 -6.34 19.79 11.03
C THR A 253 -7.18 20.84 11.75
N LEU A 254 -8.37 21.11 11.23
CA LEU A 254 -9.27 22.07 11.87
C LEU A 254 -9.62 21.60 13.27
N GLY A 255 -9.83 20.30 13.43
CA GLY A 255 -10.26 19.73 14.70
C GLY A 255 -9.27 19.98 15.83
N PHE A 256 -7.99 19.81 15.54
CA PHE A 256 -6.95 20.00 16.55
C PHE A 256 -6.88 21.47 16.99
N GLY A 257 -6.94 22.37 16.01
CA GLY A 257 -6.95 23.80 16.29
C GLY A 257 -8.07 24.18 17.24
N ALA A 258 -9.27 23.71 16.92
CA ALA A 258 -10.44 24.00 17.72
C ALA A 258 -10.27 23.46 19.15
N TYR A 259 -9.70 22.27 19.26
CA TYR A 259 -9.51 21.65 20.57
C TYR A 259 -8.62 22.52 21.45
N LEU A 260 -7.43 22.86 20.95
CA LEU A 260 -6.49 23.67 21.71
C LEU A 260 -7.13 24.99 22.15
N SER A 261 -7.99 25.53 21.34
CA SER A 261 -8.63 26.77 21.66
C SER A 261 -9.62 26.62 22.77
N LYS A 262 -10.53 25.69 22.61
CA LYS A 262 -11.59 25.43 23.57
C LYS A 262 -11.11 24.82 24.86
N ALA A 263 -10.08 24.02 24.82
CA ALA A 263 -9.62 23.33 26.00
C ALA A 263 -8.38 23.85 26.68
N HIS A 264 -7.46 24.38 25.93
CA HIS A 264 -6.22 24.89 26.49
C HIS A 264 -6.13 26.40 26.46
N GLY A 265 -7.03 27.04 25.74
CA GLY A 265 -7.00 28.48 25.57
C GLY A 265 -5.81 28.91 24.74
N ILE A 266 -5.43 28.05 23.80
CA ILE A 266 -4.34 28.33 22.87
C ILE A 266 -4.91 28.39 21.46
N ASN A 267 -4.66 29.48 20.78
CA ASN A 267 -5.14 29.68 19.45
C ASN A 267 -4.07 29.60 18.41
N PRO A 268 -3.91 28.33 17.90
CA PRO A 268 -2.84 28.19 16.92
C PRO A 268 -3.14 28.60 15.53
N ASN A 269 -2.09 28.66 14.73
CA ASN A 269 -2.19 28.98 13.34
C ASN A 269 -2.82 27.79 12.64
N ILE A 270 -3.61 28.04 11.63
CA ILE A 270 -4.28 27.03 10.88
C ILE A 270 -4.13 27.30 9.43
N ARG A 271 -3.65 26.32 8.69
CA ARG A 271 -3.48 26.44 7.26
C ARG A 271 -4.07 25.28 6.48
N THR A 272 -5.11 25.58 5.72
CA THR A 272 -5.80 24.65 4.86
C THR A 272 -6.29 25.36 3.64
N GLY A 273 -6.62 24.61 2.61
CA GLY A 273 -7.13 25.17 1.40
C GLY A 273 -8.44 25.89 1.55
N VAL A 274 -9.26 25.38 2.42
CA VAL A 274 -10.55 25.94 2.63
C VAL A 274 -10.67 27.00 3.73
N ARG A 275 -9.62 27.17 4.52
CA ARG A 275 -9.61 28.11 5.62
C ARG A 275 -8.22 28.26 6.22
N THR A 276 -7.74 29.50 6.26
CA THR A 276 -6.44 29.84 6.82
C THR A 276 -6.53 30.93 7.88
N VAL A 277 -5.90 30.69 9.01
CA VAL A 277 -5.89 31.64 10.08
C VAL A 277 -4.55 31.73 10.73
N MET A 278 -3.94 32.88 10.65
CA MET A 278 -2.64 33.08 11.25
C MET A 278 -2.79 33.93 12.49
N THR A 279 -2.31 33.45 13.62
CA THR A 279 -2.45 34.17 14.84
C THR A 279 -1.18 34.66 15.46
N GLY A 280 -0.06 34.15 15.00
CA GLY A 280 1.20 34.52 15.56
C GLY A 280 1.69 33.56 16.61
N GLU A 281 0.90 32.55 16.89
CA GLU A 281 1.25 31.55 17.88
C GLU A 281 2.42 30.70 17.42
N ALA A 282 2.99 29.97 18.34
CA ALA A 282 4.11 29.12 18.06
C ALA A 282 3.73 27.72 17.61
N ILE A 283 2.44 27.48 17.41
CA ILE A 283 1.99 26.22 16.95
C ILE A 283 1.15 26.37 15.68
N THR A 284 1.50 25.65 14.64
CA THR A 284 0.77 25.68 13.39
C THR A 284 0.26 24.29 13.03
N TYR A 285 -1.02 24.21 12.68
CA TYR A 285 -1.59 23.00 12.12
C TYR A 285 -1.86 23.20 10.64
N SER A 286 -1.37 22.26 9.82
CA SER A 286 -1.57 22.33 8.39
C SER A 286 -1.84 20.95 7.79
N THR A 287 -2.44 20.94 6.61
CA THR A 287 -2.60 19.71 5.83
C THR A 287 -1.32 19.46 5.03
N TYR A 288 -1.07 18.21 4.69
CA TYR A 288 0.04 17.89 3.81
C TYR A 288 -0.15 18.60 2.46
N GLY A 289 -1.40 18.71 2.03
CA GLY A 289 -1.71 19.34 0.76
C GLY A 289 -1.39 20.82 0.74
N LYS A 290 -1.74 21.53 1.81
CA LYS A 290 -1.51 22.96 1.89
C LYS A 290 -0.03 23.25 2.12
N PHE A 291 0.64 22.36 2.85
CA PHE A 291 2.07 22.47 3.09
C PHE A 291 2.82 22.46 1.76
N LEU A 292 2.39 21.59 0.84
CA LEU A 292 3.01 21.49 -0.48
C LEU A 292 2.72 22.73 -1.32
N ALA A 293 1.45 23.11 -1.37
CA ALA A 293 1.04 24.29 -2.13
C ALA A 293 1.77 25.54 -1.65
N ASP A 294 2.16 25.56 -0.38
CA ASP A 294 2.88 26.69 0.21
C ASP A 294 4.35 26.71 -0.19
N GLY A 295 4.83 25.62 -0.77
CA GLY A 295 6.19 25.56 -1.27
C GLY A 295 7.11 24.66 -0.46
N GLY A 296 6.55 23.92 0.49
CA GLY A 296 7.35 23.06 1.34
C GLY A 296 7.83 23.80 2.57
N CYS A 297 9.04 23.50 3.00
CA CYS A 297 9.62 24.15 4.18
C CYS A 297 10.09 25.56 3.87
N ALA A 298 9.67 26.51 4.71
CA ALA A 298 10.16 27.87 4.63
C ALA A 298 11.36 28.02 5.55
N SER A 299 12.34 28.81 5.12
CA SER A 299 13.61 28.92 5.84
C SER A 299 13.43 29.52 7.24
N GLY A 300 13.93 28.82 8.24
CA GLY A 300 13.94 29.33 9.61
C GLY A 300 12.56 29.57 10.20
N ALA A 301 11.57 28.78 9.78
CA ALA A 301 10.20 28.97 10.24
C ALA A 301 9.86 28.09 11.44
N TYR A 302 10.39 26.88 11.47
CA TYR A 302 10.02 25.92 12.51
C TYR A 302 11.21 25.15 13.06
N ASP A 303 11.17 24.85 14.35
CA ASP A 303 12.16 24.01 14.99
C ASP A 303 11.79 22.54 14.88
N ILE A 304 10.49 22.28 14.99
CA ILE A 304 9.98 20.92 15.02
C ILE A 304 8.84 20.75 14.01
N ILE A 305 8.96 19.73 13.17
CA ILE A 305 7.88 19.34 12.27
C ILE A 305 7.39 17.96 12.68
N ILE A 306 6.09 17.85 12.93
CA ILE A 306 5.49 16.57 13.29
C ILE A 306 4.67 16.09 12.10
N CYS A 307 5.13 15.01 11.47
CA CYS A 307 4.37 14.37 10.40
C CYS A 307 3.41 13.34 10.98
N ASP A 308 2.15 13.76 11.19
CA ASP A 308 1.17 12.93 11.86
C ASP A 308 0.48 12.00 10.86
N GLU A 309 -0.03 10.87 11.33
CA GLU A 309 -0.70 9.88 10.52
C GLU A 309 0.18 9.43 9.36
N CYS A 310 1.45 9.16 9.64
CA CYS A 310 2.43 8.76 8.65
C CYS A 310 2.32 7.33 8.12
N HIS A 311 1.18 6.73 8.32
CA HIS A 311 0.87 5.43 7.81
C HIS A 311 0.13 5.71 6.54
N ALA A 312 -0.17 6.97 6.30
CA ALA A 312 -0.94 7.36 5.12
C ALA A 312 -0.12 7.19 3.85
N VAL A 313 -0.68 6.45 2.90
CA VAL A 313 0.03 6.14 1.67
C VAL A 313 -0.71 6.69 0.46
N ASP A 314 -1.62 7.63 0.69
CA ASP A 314 -2.19 8.40 -0.41
C ASP A 314 -1.11 9.31 -0.96
N ALA A 315 -1.26 9.73 -2.22
CA ALA A 315 -0.21 10.46 -2.92
C ALA A 315 0.27 11.72 -2.18
N THR A 316 -0.66 12.53 -1.72
CA THR A 316 -0.31 13.79 -1.06
C THR A 316 0.51 13.55 0.20
N SER A 317 0.06 12.63 1.05
CA SER A 317 0.76 12.29 2.28
C SER A 317 2.21 11.88 2.02
N ILE A 318 2.43 11.03 1.02
CA ILE A 318 3.77 10.56 0.71
C ILE A 318 4.62 11.73 0.22
N LEU A 319 4.03 12.58 -0.61
CA LEU A 319 4.77 13.72 -1.15
C LEU A 319 5.12 14.72 -0.06
N GLY A 320 4.14 15.02 0.80
CA GLY A 320 4.37 15.91 1.93
C GLY A 320 5.49 15.43 2.83
N ILE A 321 5.39 14.17 3.27
CA ILE A 321 6.37 13.58 4.17
C ILE A 321 7.75 13.59 3.51
N GLY A 322 7.82 13.17 2.25
CA GLY A 322 9.08 13.13 1.55
C GLY A 322 9.68 14.50 1.35
N THR A 323 8.82 15.50 1.18
CA THR A 323 9.27 16.87 1.05
C THR A 323 9.91 17.33 2.36
N VAL A 324 9.25 17.03 3.47
CA VAL A 324 9.76 17.37 4.80
C VAL A 324 11.14 16.77 4.98
N LEU A 325 11.25 15.47 4.71
CA LEU A 325 12.48 14.73 4.94
C LEU A 325 13.62 15.20 4.03
N ASP A 326 13.26 15.81 2.91
CA ASP A 326 14.26 16.29 1.96
C ASP A 326 14.72 17.71 2.28
N GLN A 327 13.80 18.54 2.76
CA GLN A 327 14.06 19.97 2.93
C GLN A 327 14.34 20.38 4.39
N ALA A 328 13.91 19.57 5.34
CA ALA A 328 13.91 19.97 6.75
C ALA A 328 15.25 20.52 7.24
N GLU A 329 16.29 19.68 7.22
CA GLU A 329 17.58 20.07 7.77
C GLU A 329 18.09 21.38 7.21
N THR A 330 18.02 21.54 5.89
CA THR A 330 18.54 22.73 5.24
C THR A 330 17.73 23.97 5.64
N ALA A 331 16.47 23.76 6.01
CA ALA A 331 15.60 24.87 6.39
C ALA A 331 15.73 25.24 7.87
N GLY A 332 16.58 24.51 8.59
CA GLY A 332 16.87 24.85 9.98
C GLY A 332 16.10 24.06 11.02
N VAL A 333 15.42 23.00 10.61
CA VAL A 333 14.66 22.18 11.53
C VAL A 333 15.61 21.35 12.39
N ARG A 334 15.29 21.21 13.67
CA ARG A 334 16.08 20.38 14.57
C ARG A 334 15.54 18.96 14.64
N LEU A 335 14.23 18.82 14.53
CA LEU A 335 13.59 17.53 14.73
C LEU A 335 12.37 17.32 13.84
N THR A 336 12.41 16.25 13.04
CA THR A 336 11.23 15.77 12.34
C THR A 336 10.71 14.57 13.11
N VAL A 337 9.42 14.59 13.44
CA VAL A 337 8.81 13.49 14.16
C VAL A 337 7.82 12.77 13.24
N LEU A 338 8.07 11.48 13.04
CA LEU A 338 7.16 10.64 12.25
C LEU A 338 6.23 9.91 13.21
N ALA A 339 4.98 10.37 13.29
CA ALA A 339 4.04 9.89 14.29
C ALA A 339 2.88 9.11 13.67
N THR A 340 2.61 7.93 14.22
CA THR A 340 1.43 7.17 13.83
C THR A 340 1.03 6.18 14.91
N ALA A 341 -0.25 5.85 14.95
CA ALA A 341 -0.74 4.85 15.89
C ALA A 341 -0.48 3.44 15.35
N THR A 342 -0.41 3.31 14.03
CA THR A 342 -0.28 2.02 13.39
C THR A 342 0.94 1.93 12.47
N PRO A 343 2.14 1.82 13.05
CA PRO A 343 3.34 1.61 12.24
C PRO A 343 3.34 0.24 11.58
N PRO A 344 4.24 0.01 10.62
CA PRO A 344 4.26 -1.28 9.92
C PRO A 344 4.44 -2.47 10.86
N GLY A 345 3.65 -3.51 10.66
CA GLY A 345 3.74 -4.71 11.48
C GLY A 345 2.92 -4.64 12.75
N SER A 346 2.24 -3.52 12.98
CA SER A 346 1.47 -3.33 14.21
C SER A 346 0.01 -3.75 14.04
N VAL A 347 -0.63 -4.05 15.16
CA VAL A 347 -2.04 -4.36 15.19
C VAL A 347 -2.82 -3.09 15.52
N THR A 348 -4.11 -3.09 15.23
CA THR A 348 -4.98 -2.06 15.75
C THR A 348 -5.27 -2.40 17.20
N THR A 349 -5.42 -1.39 18.03
CA THR A 349 -5.79 -1.61 19.43
C THR A 349 -7.11 -0.91 19.71
N PRO A 350 -7.84 -1.37 20.73
CA PRO A 350 -9.08 -0.70 21.12
C PRO A 350 -8.92 0.80 21.28
N HIS A 351 -10.00 1.54 21.02
CA HIS A 351 -9.97 2.99 21.04
C HIS A 351 -11.02 3.47 22.04
N PRO A 352 -10.72 4.54 22.80
CA PRO A 352 -11.67 4.97 23.84
C PRO A 352 -13.10 5.14 23.34
N ASP A 353 -14.05 4.71 24.16
CA ASP A 353 -15.49 4.91 23.90
C ASP A 353 -16.03 4.05 22.75
N ILE A 354 -15.17 3.37 21.99
CA ILE A 354 -15.64 2.54 20.89
C ILE A 354 -15.68 1.07 21.28
N GLU A 355 -16.89 0.57 21.55
CA GLU A 355 -17.09 -0.85 21.78
C GLU A 355 -16.82 -1.61 20.48
N GLU A 356 -16.11 -2.73 20.57
CA GLU A 356 -15.90 -3.59 19.42
C GLU A 356 -16.54 -4.95 19.68
N VAL A 357 -17.36 -5.40 18.74
CA VAL A 357 -18.13 -6.63 18.90
C VAL A 357 -18.20 -7.40 17.59
N GLY A 358 -17.57 -8.56 17.55
CA GLY A 358 -17.61 -9.41 16.37
C GLY A 358 -19.02 -9.85 16.04
N LEU A 359 -19.32 -9.96 14.75
CA LEU A 359 -20.63 -10.42 14.31
C LEU A 359 -20.80 -11.91 14.57
N GLY A 360 -22.00 -12.29 15.02
CA GLY A 360 -22.34 -13.69 15.17
C GLY A 360 -22.87 -14.28 13.89
N ARG A 361 -23.25 -15.55 13.93
CA ARG A 361 -23.79 -16.23 12.75
C ARG A 361 -25.31 -16.17 12.73
N GLU A 362 -25.91 -15.47 13.70
CA GLU A 362 -27.36 -15.35 13.76
C GLU A 362 -27.80 -13.91 13.49
N GLY A 363 -28.96 -13.76 12.84
CA GLY A 363 -29.48 -12.45 12.50
C GLY A 363 -30.57 -12.52 11.45
N GLU A 364 -30.76 -11.42 10.72
CA GLU A 364 -31.80 -11.36 9.69
C GLU A 364 -31.19 -11.14 8.31
N ILE A 365 -29.98 -10.57 8.27
CA ILE A 365 -29.37 -10.16 7.00
C ILE A 365 -28.01 -10.82 6.85
N PRO A 366 -27.87 -11.76 5.89
CA PRO A 366 -26.56 -12.40 5.80
C PRO A 366 -25.49 -11.40 5.35
N PHE A 367 -24.27 -11.57 5.86
CA PHE A 367 -23.23 -10.56 5.67
C PHE A 367 -21.83 -11.16 5.75
N TYR A 368 -21.29 -11.54 4.60
CA TYR A 368 -19.93 -12.04 4.50
C TYR A 368 -19.65 -13.19 5.47
N GLY A 369 -20.54 -14.18 5.49
CA GLY A 369 -20.34 -15.37 6.29
C GLY A 369 -20.76 -15.19 7.74
N ARG A 370 -21.35 -14.04 8.04
CA ARG A 370 -21.95 -13.78 9.33
C ARG A 370 -23.35 -13.24 9.09
N ALA A 371 -23.98 -12.67 10.12
CA ALA A 371 -25.32 -12.12 9.96
C ALA A 371 -25.51 -10.85 10.78
N ILE A 372 -26.32 -9.93 10.26
CA ILE A 372 -26.65 -8.70 10.96
C ILE A 372 -28.06 -8.83 11.53
N PRO A 373 -28.21 -8.65 12.85
CA PRO A 373 -29.57 -8.56 13.39
C PRO A 373 -30.18 -7.18 13.17
N LEU A 374 -31.45 -7.15 12.80
CA LEU A 374 -32.15 -5.89 12.54
C LEU A 374 -32.08 -4.91 13.71
N SER A 375 -32.10 -5.42 14.92
CA SER A 375 -32.03 -4.59 16.11
C SER A 375 -30.85 -3.66 16.12
N CYS A 376 -29.75 -4.14 15.59
CA CYS A 376 -28.55 -3.36 15.56
C CYS A 376 -28.68 -2.10 14.75
N ILE A 377 -29.52 -2.07 13.73
CA ILE A 377 -29.62 -0.93 12.88
C ILE A 377 -30.94 -0.27 12.71
N LYS A 378 -31.94 -0.71 13.44
CA LYS A 378 -33.23 -0.04 13.38
C LYS A 378 -33.26 1.09 14.39
N GLY A 379 -33.43 2.31 13.90
CA GLY A 379 -33.32 3.49 14.73
C GLY A 379 -31.87 3.93 14.77
N GLY A 380 -31.65 5.24 14.64
CA GLY A 380 -30.32 5.80 14.67
C GLY A 380 -29.66 5.88 13.30
N ARG A 381 -28.41 6.31 13.29
CA ARG A 381 -27.66 6.46 12.05
C ARG A 381 -26.48 5.49 12.03
N HIS A 382 -26.36 4.70 10.96
CA HIS A 382 -25.40 3.60 10.91
C HIS A 382 -24.67 3.56 9.57
N LEU A 383 -23.43 3.08 9.61
CA LEU A 383 -22.61 2.98 8.41
C LEU A 383 -22.15 1.54 8.19
N ILE A 384 -22.50 0.96 7.04
CA ILE A 384 -22.06 -0.38 6.68
C ILE A 384 -21.09 -0.31 5.51
N PHE A 385 -19.89 -0.85 5.70
CA PHE A 385 -18.89 -0.89 4.62
C PHE A 385 -18.98 -2.17 3.79
N CYS A 386 -19.18 -2.01 2.51
CA CYS A 386 -19.22 -3.11 1.59
C CYS A 386 -18.13 -2.91 0.58
N HIS A 387 -17.56 -4.00 0.12
CA HIS A 387 -16.45 -4.00 -0.82
C HIS A 387 -16.73 -3.69 -2.29
N SER A 388 -17.98 -3.51 -2.66
CA SER A 388 -18.31 -3.30 -4.07
C SER A 388 -19.62 -2.54 -4.27
N LYS A 389 -19.67 -1.74 -5.33
CA LYS A 389 -20.88 -1.03 -5.72
C LYS A 389 -22.06 -1.98 -5.75
N LYS A 390 -21.84 -3.12 -6.40
CA LYS A 390 -22.88 -4.12 -6.61
C LYS A 390 -23.50 -4.55 -5.28
N LYS A 391 -22.63 -4.82 -4.31
CA LYS A 391 -23.09 -5.30 -3.00
C LYS A 391 -23.82 -4.21 -2.25
N CYS A 392 -23.36 -2.96 -2.40
CA CYS A 392 -24.00 -1.84 -1.72
C CYS A 392 -25.45 -1.69 -2.18
N ASP A 393 -25.67 -1.76 -3.49
CA ASP A 393 -27.01 -1.61 -4.05
C ASP A 393 -27.90 -2.77 -3.61
N GLU A 394 -27.36 -3.97 -3.63
CA GLU A 394 -28.11 -5.15 -3.21
C GLU A 394 -28.56 -5.02 -1.76
N LEU A 395 -27.64 -4.59 -0.90
CA LEU A 395 -27.92 -4.53 0.54
C LEU A 395 -28.89 -3.41 0.88
N ALA A 396 -28.64 -2.22 0.33
CA ALA A 396 -29.52 -1.09 0.60
C ALA A 396 -30.95 -1.41 0.16
N ALA A 397 -31.07 -2.22 -0.89
CA ALA A 397 -32.36 -2.66 -1.38
C ALA A 397 -33.04 -3.57 -0.36
N ALA A 398 -32.29 -4.58 0.08
CA ALA A 398 -32.80 -5.56 1.03
C ALA A 398 -33.25 -4.90 2.33
N LEU A 399 -32.50 -3.90 2.79
CA LEU A 399 -32.81 -3.22 4.05
C LEU A 399 -34.07 -2.36 3.90
N ARG A 400 -34.22 -1.74 2.74
CA ARG A 400 -35.41 -0.93 2.47
C ARG A 400 -36.66 -1.80 2.47
N GLY A 401 -36.52 -3.04 2.01
CA GLY A 401 -37.63 -3.98 2.00
C GLY A 401 -37.97 -4.49 3.39
N MET A 402 -37.15 -4.11 4.36
CA MET A 402 -37.40 -4.47 5.76
C MET A 402 -37.77 -3.25 6.59
N GLY A 403 -38.05 -2.15 5.90
CA GLY A 403 -38.57 -0.96 6.55
C GLY A 403 -37.53 0.01 7.07
N LEU A 404 -36.32 -0.05 6.50
CA LEU A 404 -35.26 0.86 6.92
C LEU A 404 -34.94 1.90 5.85
N ASN A 405 -34.56 3.07 6.29
CA ASN A 405 -34.16 4.09 5.37
C ASN A 405 -32.70 3.86 5.07
N ALA A 406 -32.44 3.02 4.10
CA ALA A 406 -31.10 2.70 3.67
C ALA A 406 -30.80 3.31 2.31
N VAL A 407 -29.53 3.63 2.09
CA VAL A 407 -29.11 4.32 0.87
C VAL A 407 -27.65 3.99 0.60
N ALA A 408 -27.32 3.70 -0.66
CA ALA A 408 -25.98 3.27 -1.03
C ALA A 408 -25.12 4.44 -1.49
N TYR A 409 -23.82 4.35 -1.23
CA TYR A 409 -22.88 5.36 -1.70
C TYR A 409 -21.59 4.73 -2.20
N TYR A 410 -21.21 5.07 -3.43
CA TYR A 410 -19.91 4.70 -3.98
C TYR A 410 -19.45 5.79 -4.94
N ARG A 411 -18.25 5.63 -5.50
CA ARG A 411 -17.72 6.62 -6.42
C ARG A 411 -18.61 6.69 -7.67
N GLY A 412 -19.01 7.90 -8.02
CA GLY A 412 -19.92 8.12 -9.12
C GLY A 412 -21.23 8.75 -8.69
N LEU A 413 -21.46 8.76 -7.37
CA LEU A 413 -22.66 9.38 -6.80
C LEU A 413 -22.25 10.56 -5.95
N ASP A 414 -23.15 11.50 -5.75
CA ASP A 414 -22.86 12.66 -4.90
C ASP A 414 -23.09 12.29 -3.44
N VAL A 415 -22.53 13.11 -2.55
CA VAL A 415 -22.54 12.81 -1.12
C VAL A 415 -23.78 13.39 -0.46
N SER A 416 -24.53 14.22 -1.20
CA SER A 416 -25.76 14.80 -0.68
C SER A 416 -26.88 13.77 -0.69
N ILE A 417 -26.56 12.59 -1.24
CA ILE A 417 -27.44 11.44 -1.20
C ILE A 417 -27.62 10.97 0.25
N ILE A 418 -26.73 11.43 1.13
CA ILE A 418 -26.74 11.05 2.54
C ILE A 418 -27.44 12.12 3.38
N PRO A 419 -28.61 11.80 3.95
CA PRO A 419 -29.30 12.81 4.76
C PRO A 419 -28.49 13.25 5.97
N ALA A 420 -28.56 14.53 6.32
CA ALA A 420 -27.72 15.10 7.37
C ALA A 420 -28.19 14.67 8.75
N GLN A 421 -29.49 14.44 8.91
CA GLN A 421 -30.04 13.98 10.17
C GLN A 421 -31.19 13.01 9.94
N GLY A 422 -31.73 12.46 11.02
CA GLY A 422 -32.79 11.46 10.94
C GLY A 422 -32.21 10.07 10.79
N ASP A 423 -33.03 9.07 11.07
CA ASP A 423 -32.63 7.67 10.94
C ASP A 423 -32.11 7.36 9.55
N VAL A 424 -31.04 6.59 9.46
CA VAL A 424 -30.49 6.19 8.17
C VAL A 424 -29.45 5.08 8.29
N VAL A 425 -29.43 4.20 7.31
CA VAL A 425 -28.36 3.22 7.16
C VAL A 425 -27.62 3.48 5.86
N VAL A 426 -26.38 3.94 5.95
CA VAL A 426 -25.56 4.16 4.77
C VAL A 426 -24.70 2.92 4.56
N VAL A 427 -24.79 2.36 3.35
CA VAL A 427 -24.00 1.21 2.98
C VAL A 427 -23.09 1.64 1.84
N ALA A 428 -21.79 1.66 2.11
CA ALA A 428 -20.85 2.37 1.25
C ALA A 428 -19.55 1.62 1.03
N THR A 429 -18.80 2.06 0.03
CA THR A 429 -17.44 1.61 -0.18
C THR A 429 -16.48 2.57 0.53
N ASP A 430 -15.18 2.32 0.38
CA ASP A 430 -14.17 3.23 0.91
C ASP A 430 -14.24 4.61 0.24
N ALA A 431 -15.02 4.71 -0.83
CA ALA A 431 -15.23 5.99 -1.50
C ALA A 431 -15.72 7.06 -0.53
N LEU A 432 -16.39 6.62 0.54
CA LEU A 432 -16.92 7.54 1.54
C LEU A 432 -15.83 8.30 2.29
N MET A 433 -14.71 7.63 2.56
CA MET A 433 -13.61 8.20 3.33
C MET A 433 -13.21 9.58 2.78
N THR A 434 -12.90 9.63 1.49
CA THR A 434 -12.56 10.90 0.86
C THR A 434 -13.81 11.75 0.68
N GLY A 435 -14.89 11.13 0.23
CA GLY A 435 -16.11 11.83 -0.15
C GLY A 435 -16.93 12.45 0.97
N TYR A 436 -16.78 11.93 2.19
CA TYR A 436 -17.66 12.32 3.30
C TYR A 436 -16.84 12.67 4.55
N THR A 437 -17.46 13.35 5.50
CA THR A 437 -16.78 13.77 6.73
C THR A 437 -17.48 13.26 7.98
N GLY A 438 -18.80 13.37 8.02
CA GLY A 438 -19.58 13.04 9.20
C GLY A 438 -19.36 11.63 9.73
N ASP A 439 -19.98 11.34 10.86
CA ASP A 439 -19.84 10.04 11.52
C ASP A 439 -21.19 9.46 11.94
N PHE A 440 -21.17 8.30 12.58
CA PHE A 440 -22.38 7.53 12.82
C PHE A 440 -22.42 6.93 14.23
N ASP A 441 -23.52 6.25 14.54
CA ASP A 441 -23.69 5.60 15.83
C ASP A 441 -22.98 4.24 15.87
N SER A 442 -22.78 3.64 14.70
CA SER A 442 -22.06 2.37 14.62
C SER A 442 -21.51 2.12 13.23
N VAL A 443 -20.49 1.27 13.15
CA VAL A 443 -19.92 0.86 11.87
C VAL A 443 -19.97 -0.66 11.80
N ILE A 444 -20.41 -1.17 10.66
CA ILE A 444 -20.36 -2.60 10.37
C ILE A 444 -19.39 -2.80 9.20
N ASP A 445 -18.38 -3.63 9.43
CA ASP A 445 -17.26 -3.74 8.49
C ASP A 445 -17.11 -5.17 7.96
N CYS A 446 -17.13 -5.28 6.63
CA CYS A 446 -16.91 -6.56 5.97
C CYS A 446 -15.44 -6.97 6.07
N ASN A 447 -14.60 -6.04 6.43
CA ASN A 447 -13.18 -6.27 6.56
C ASN A 447 -12.52 -6.73 5.27
N VAL A 448 -13.09 -6.33 4.15
CA VAL A 448 -12.52 -6.63 2.84
C VAL A 448 -12.04 -5.33 2.23
N ALA A 449 -10.86 -5.36 1.64
CA ALA A 449 -10.25 -4.16 1.06
C ALA A 449 -10.03 -4.29 -0.44
N VAL A 450 -10.44 -3.27 -1.18
CA VAL A 450 -10.16 -3.16 -2.60
C VAL A 450 -9.11 -2.07 -2.84
N THR A 451 -7.94 -2.47 -3.36
CA THR A 451 -6.84 -1.52 -3.56
C THR A 451 -6.37 -1.46 -5.01
N GLN A 452 -5.83 -0.31 -5.38
CA GLN A 452 -5.27 -0.09 -6.70
C GLN A 452 -4.00 -0.91 -6.88
N ALA A 453 -3.80 -1.41 -8.10
CA ALA A 453 -2.56 -2.09 -8.45
C ALA A 453 -2.22 -1.82 -9.91
N VAL A 454 -0.93 -1.81 -10.22
CA VAL A 454 -0.50 -1.71 -11.61
C VAL A 454 -0.14 -3.09 -12.12
N ASP A 455 -0.52 -3.38 -13.35
CA ASP A 455 -0.13 -4.60 -14.04
C ASP A 455 0.67 -4.20 -15.27
N PHE A 456 1.93 -4.63 -15.33
CA PHE A 456 2.76 -4.38 -16.50
C PHE A 456 2.35 -5.38 -17.59
N SER A 457 1.29 -5.04 -18.29
CA SER A 457 0.55 -5.99 -19.11
C SER A 457 0.99 -6.06 -20.57
N LEU A 458 1.65 -5.01 -21.05
CA LEU A 458 2.21 -5.01 -22.40
C LEU A 458 1.13 -5.07 -23.47
N ASP A 459 -0.06 -4.55 -23.14
CA ASP A 459 -1.19 -4.59 -24.05
C ASP A 459 -1.84 -3.23 -24.20
N PRO A 460 -1.07 -2.22 -24.61
CA PRO A 460 0.33 -2.27 -25.06
C PRO A 460 1.39 -1.96 -23.99
N THR A 461 0.99 -1.38 -22.85
CA THR A 461 1.96 -0.91 -21.88
C THR A 461 1.83 -1.24 -20.39
N PHE A 462 0.91 -0.57 -19.69
CA PHE A 462 0.63 -0.89 -18.30
C PHE A 462 -0.88 -0.71 -18.15
N THR A 463 -1.44 -1.44 -17.19
CA THR A 463 -2.85 -1.33 -16.86
C THR A 463 -2.98 -0.95 -15.40
N ILE A 464 -3.85 0.00 -15.11
CA ILE A 464 -4.19 0.31 -13.74
C ILE A 464 -5.50 -0.41 -13.44
N THR A 465 -5.44 -1.34 -12.48
CA THR A 465 -6.57 -2.19 -12.15
C THR A 465 -6.72 -2.22 -10.63
N THR A 466 -7.40 -3.25 -10.11
CA THR A 466 -7.61 -3.35 -8.67
C THR A 466 -7.28 -4.74 -8.12
N GLN A 467 -7.35 -4.86 -6.80
CA GLN A 467 -7.06 -6.08 -6.09
C GLN A 467 -7.98 -6.19 -4.88
N THR A 468 -8.51 -7.38 -4.64
CA THR A 468 -9.33 -7.63 -3.45
C THR A 468 -8.48 -8.39 -2.43
N VAL A 469 -8.24 -7.77 -1.29
CA VAL A 469 -7.37 -8.36 -0.26
C VAL A 469 -7.97 -8.21 1.13
N PRO A 470 -7.50 -9.04 2.08
CA PRO A 470 -7.88 -8.84 3.48
C PRO A 470 -7.44 -7.48 4.02
N GLN A 471 -8.35 -6.82 4.70
CA GLN A 471 -8.12 -5.53 5.35
C GLN A 471 -6.92 -5.57 6.30
N ASP A 472 -6.12 -4.51 6.29
CA ASP A 472 -5.00 -4.41 7.23
C ASP A 472 -5.34 -3.45 8.37
N ALA A 473 -4.41 -3.32 9.31
CA ALA A 473 -4.66 -2.54 10.52
C ALA A 473 -5.01 -1.07 10.20
N VAL A 474 -4.34 -0.50 9.21
CA VAL A 474 -4.58 0.90 8.84
C VAL A 474 -6.02 1.08 8.38
N SER A 475 -6.43 0.25 7.41
CA SER A 475 -7.78 0.31 6.88
C SER A 475 -8.81 0.15 7.99
N ARG A 476 -8.57 -0.83 8.85
CA ARG A 476 -9.46 -1.13 9.96
C ARG A 476 -9.68 0.11 10.83
N SER A 477 -8.60 0.80 11.17
CA SER A 477 -8.67 2.00 11.99
C SER A 477 -9.47 3.12 11.33
N GLN A 478 -9.22 3.33 10.03
CA GLN A 478 -9.91 4.39 9.29
C GLN A 478 -11.42 4.17 9.28
N ARG A 479 -11.84 2.95 8.99
CA ARG A 479 -13.27 2.64 8.90
C ARG A 479 -13.97 2.77 10.25
N ARG A 480 -13.39 2.24 11.31
CA ARG A 480 -14.04 2.28 12.62
C ARG A 480 -13.94 3.68 13.23
N GLY A 481 -12.99 4.46 12.74
CA GLY A 481 -12.86 5.84 13.19
C GLY A 481 -14.04 6.70 12.77
N ARG A 482 -14.91 6.13 11.94
CA ARG A 482 -16.10 6.83 11.47
C ARG A 482 -17.23 6.78 12.47
N THR A 483 -16.99 6.16 13.62
CA THR A 483 -17.93 6.24 14.73
C THR A 483 -17.21 6.74 15.96
N GLY A 484 -17.95 6.95 17.04
CA GLY A 484 -17.36 7.36 18.31
C GLY A 484 -16.51 8.60 18.24
N ARG A 485 -16.97 9.61 17.51
CA ARG A 485 -16.26 10.89 17.43
C ARG A 485 -16.82 11.87 18.45
N GLY A 486 -16.19 11.93 19.62
CA GLY A 486 -16.62 12.79 20.69
C GLY A 486 -17.48 12.08 21.72
N ARG A 487 -18.12 10.99 21.28
CA ARG A 487 -19.05 10.25 22.11
C ARG A 487 -18.86 8.75 21.89
N GLN A 488 -19.65 7.93 22.60
CA GLN A 488 -19.56 6.49 22.46
C GLN A 488 -19.96 6.04 21.06
N GLY A 489 -19.31 4.98 20.59
CA GLY A 489 -19.63 4.37 19.31
C GLY A 489 -19.54 2.86 19.38
N THR A 490 -19.90 2.20 18.29
CA THR A 490 -19.87 0.74 18.24
C THR A 490 -19.36 0.25 16.88
N TYR A 491 -18.47 -0.74 16.93
CA TYR A 491 -17.84 -1.28 15.73
C TYR A 491 -18.07 -2.79 15.65
N ARG A 492 -18.77 -3.22 14.60
CA ARG A 492 -19.04 -4.63 14.39
C ARG A 492 -18.23 -5.12 13.19
N TYR A 493 -17.74 -6.36 13.26
CA TYR A 493 -16.85 -6.86 12.23
C TYR A 493 -17.02 -8.35 11.95
N VAL A 494 -16.52 -8.76 10.80
CA VAL A 494 -16.58 -10.14 10.34
C VAL A 494 -15.33 -10.88 10.77
N SER A 495 -14.22 -10.15 10.81
CA SER A 495 -12.94 -10.76 11.16
C SER A 495 -11.93 -9.72 11.63
N THR A 496 -10.90 -10.20 12.33
CA THR A 496 -9.71 -9.39 12.55
C THR A 496 -8.90 -9.46 11.26
N GLY A 497 -8.31 -8.35 10.87
CA GLY A 497 -7.64 -8.28 9.59
C GLY A 497 -6.20 -8.76 9.66
N GLU A 498 -5.32 -8.09 8.93
CA GLU A 498 -3.90 -8.35 8.99
C GLU A 498 -3.24 -7.19 9.69
N ARG A 499 -1.98 -7.35 10.07
CA ARG A 499 -1.24 -6.27 10.71
C ARG A 499 -0.93 -5.19 9.70
N ALA A 500 -0.54 -4.02 10.18
CA ALA A 500 -0.27 -2.89 9.29
C ALA A 500 0.78 -3.26 8.24
N SER A 501 0.46 -3.02 6.97
CA SER A 501 1.32 -3.42 5.87
C SER A 501 2.59 -2.59 5.84
N GLY A 502 3.71 -3.26 5.57
CA GLY A 502 4.98 -2.58 5.44
C GLY A 502 5.37 -2.31 3.99
N MET A 503 4.48 -2.66 3.07
CA MET A 503 4.78 -2.61 1.65
C MET A 503 3.57 -2.10 0.87
N PHE A 504 3.78 -1.19 -0.07
CA PHE A 504 2.68 -0.79 -0.94
C PHE A 504 3.06 -0.94 -2.43
N ASP A 505 2.05 -0.88 -3.29
CA ASP A 505 2.20 -1.20 -4.70
C ASP A 505 2.84 -0.07 -5.51
N SER A 506 3.46 -0.44 -6.62
CA SER A 506 4.16 0.51 -7.49
C SER A 506 3.20 1.56 -8.02
N VAL A 507 1.93 1.20 -8.16
CA VAL A 507 0.93 2.12 -8.70
C VAL A 507 0.88 3.40 -7.85
N VAL A 508 1.29 3.30 -6.60
CA VAL A 508 1.30 4.45 -5.69
C VAL A 508 2.31 5.47 -6.20
N LEU A 509 3.50 4.99 -6.59
CA LEU A 509 4.52 5.84 -7.17
C LEU A 509 3.93 6.60 -8.35
N CYS A 510 3.25 5.87 -9.23
CA CYS A 510 2.60 6.47 -10.38
C CYS A 510 1.65 7.58 -9.94
N GLU A 511 0.92 7.31 -8.87
CA GLU A 511 -0.03 8.26 -8.31
C GLU A 511 0.67 9.55 -7.86
N CYS A 512 1.88 9.40 -7.31
CA CYS A 512 2.63 10.54 -6.80
C CYS A 512 3.09 11.48 -7.92
N TYR A 513 3.67 10.90 -8.98
CA TYR A 513 4.11 11.68 -10.13
C TYR A 513 2.91 12.36 -10.78
N ASP A 514 1.78 11.65 -10.81
CA ASP A 514 0.55 12.21 -11.37
C ASP A 514 0.06 13.40 -10.56
N ALA A 515 -0.07 13.18 -9.25
CA ALA A 515 -0.53 14.21 -8.34
C ALA A 515 0.43 15.39 -8.30
N GLY A 516 1.72 15.09 -8.21
CA GLY A 516 2.75 16.11 -8.20
C GLY A 516 2.63 17.10 -9.35
N ALA A 517 2.37 16.57 -10.55
CA ALA A 517 2.27 17.39 -11.75
C ALA A 517 0.92 18.08 -11.82
N ALA A 518 -0.14 17.35 -11.50
CA ALA A 518 -1.50 17.87 -11.64
C ALA A 518 -1.79 18.97 -10.63
N TRP A 519 -1.40 18.77 -9.38
CA TRP A 519 -1.82 19.66 -8.31
C TRP A 519 -0.75 20.65 -7.83
N TYR A 520 0.52 20.36 -8.08
CA TYR A 520 1.61 21.21 -7.58
C TYR A 520 2.65 21.54 -8.63
N ASP A 521 2.33 21.26 -9.90
CA ASP A 521 3.22 21.59 -11.02
C ASP A 521 4.64 21.08 -10.83
N LEU A 522 4.80 20.03 -10.03
CA LEU A 522 6.12 19.47 -9.78
C LEU A 522 6.66 18.76 -11.01
N THR A 523 7.92 19.04 -11.32
CA THR A 523 8.60 18.35 -12.40
C THR A 523 8.90 16.92 -11.95
N PRO A 524 8.92 15.96 -12.89
CA PRO A 524 9.16 14.56 -12.50
C PRO A 524 10.48 14.36 -11.76
N ALA A 525 11.53 15.02 -12.22
CA ALA A 525 12.84 14.92 -11.58
C ALA A 525 12.78 15.37 -10.13
N GLU A 526 11.85 16.28 -9.83
CA GLU A 526 11.76 16.86 -8.50
C GLU A 526 10.94 15.94 -7.60
N THR A 527 9.91 15.34 -8.17
CA THR A 527 9.12 14.35 -7.46
C THR A 527 10.02 13.19 -7.02
N THR A 528 10.98 12.85 -7.87
CA THR A 528 11.91 11.77 -7.58
C THR A 528 12.75 12.06 -6.35
N VAL A 529 13.34 13.25 -6.29
CA VAL A 529 14.18 13.65 -5.17
C VAL A 529 13.42 13.44 -3.86
N ARG A 530 12.15 13.80 -3.86
CA ARG A 530 11.34 13.78 -2.65
C ARG A 530 10.97 12.36 -2.25
N LEU A 531 10.63 11.53 -3.24
CA LEU A 531 10.31 10.14 -2.97
C LEU A 531 11.56 9.38 -2.53
N ARG A 532 12.72 9.81 -3.01
CA ARG A 532 13.99 9.22 -2.61
C ARG A 532 14.24 9.43 -1.12
N ALA A 533 13.88 10.60 -0.63
CA ALA A 533 14.00 10.91 0.79
C ALA A 533 13.11 9.97 1.60
N TYR A 534 11.90 9.79 1.13
CA TYR A 534 10.92 8.91 1.77
C TYR A 534 11.43 7.48 1.85
N PHE A 535 11.89 6.97 0.73
CA PHE A 535 12.42 5.65 0.68
C PHE A 535 13.62 5.50 1.59
N ASN A 536 14.50 6.47 1.58
CA ASN A 536 15.70 6.40 2.39
C ASN A 536 15.56 6.55 3.88
N THR A 537 14.37 6.82 4.36
CA THR A 537 14.15 6.95 5.76
C THR A 537 13.55 5.70 6.28
N PRO A 538 14.17 5.09 7.28
CA PRO A 538 13.63 3.84 7.83
C PRO A 538 12.35 4.05 8.63
N GLY A 539 11.58 3.00 8.82
CA GLY A 539 10.38 3.05 9.65
C GLY A 539 9.11 3.39 8.89
N LEU A 540 9.24 3.62 7.59
CA LEU A 540 8.08 3.93 6.75
C LEU A 540 7.74 2.74 5.86
N PRO A 541 6.52 2.73 5.29
CA PRO A 541 6.19 1.70 4.30
C PRO A 541 7.14 1.76 3.10
N VAL A 542 7.47 0.61 2.53
CA VAL A 542 8.43 0.57 1.43
C VAL A 542 7.75 0.17 0.13
N CYS A 543 8.50 0.27 -0.97
CA CYS A 543 7.97 -0.03 -2.29
C CYS A 543 9.11 -0.52 -3.18
N GLN A 544 8.77 -1.10 -4.33
CA GLN A 544 9.77 -1.44 -5.31
C GLN A 544 10.34 -0.16 -5.89
N ASP A 545 11.63 -0.17 -6.21
CA ASP A 545 12.27 1.03 -6.74
C ASP A 545 11.96 1.16 -8.23
N HIS A 546 10.81 1.75 -8.54
CA HIS A 546 10.42 2.00 -9.92
C HIS A 546 10.44 3.49 -10.20
N LEU A 547 11.22 4.23 -9.42
CA LEU A 547 11.27 5.68 -9.52
C LEU A 547 11.78 6.12 -10.90
N GLU A 548 12.89 5.54 -11.34
CA GLU A 548 13.44 5.90 -12.64
C GLU A 548 12.46 5.58 -13.77
N PHE A 549 11.72 4.49 -13.63
CA PHE A 549 10.75 4.11 -14.65
C PHE A 549 9.63 5.16 -14.77
N TRP A 550 8.98 5.45 -13.64
CA TRP A 550 7.86 6.37 -13.64
C TRP A 550 8.28 7.79 -13.97
N GLU A 551 9.49 8.17 -13.59
CA GLU A 551 9.99 9.49 -13.95
C GLU A 551 10.07 9.61 -15.46
N ALA A 552 10.58 8.56 -16.10
CA ALA A 552 10.77 8.54 -17.55
C ALA A 552 9.44 8.65 -18.31
N VAL A 553 8.41 7.94 -17.87
CA VAL A 553 7.17 7.93 -18.65
C VAL A 553 6.47 9.27 -18.53
N PHE A 554 6.48 9.86 -17.33
CA PHE A 554 5.81 11.14 -17.11
C PHE A 554 6.59 12.28 -17.75
N THR A 555 7.89 12.12 -17.90
CA THR A 555 8.71 13.12 -18.57
C THR A 555 8.31 13.24 -20.03
N GLY A 556 7.81 12.14 -20.59
CA GLY A 556 7.44 12.11 -22.00
C GLY A 556 6.02 12.59 -22.27
N LEU A 557 5.27 12.87 -21.21
CA LEU A 557 3.88 13.30 -21.38
C LEU A 557 3.81 14.82 -21.40
N THR A 558 4.33 15.40 -22.47
CA THR A 558 4.42 16.86 -22.59
C THR A 558 3.21 17.47 -23.30
N HIS A 559 2.94 18.73 -22.95
CA HIS A 559 1.95 19.54 -23.64
C HIS A 559 0.53 19.02 -23.43
N ILE A 560 0.12 18.98 -22.17
CA ILE A 560 -1.22 18.57 -21.79
C ILE A 560 -2.19 19.74 -21.95
N ASP A 561 -3.37 19.45 -22.46
CA ASP A 561 -4.42 20.46 -22.55
C ASP A 561 -4.84 20.89 -21.15
N ALA A 562 -4.70 22.18 -20.86
CA ALA A 562 -4.95 22.70 -19.53
C ALA A 562 -6.43 22.57 -19.13
N HIS A 563 -7.32 22.76 -20.09
CA HIS A 563 -8.74 22.71 -19.82
C HIS A 563 -9.18 21.30 -19.40
N PHE A 564 -8.60 20.29 -20.06
CA PHE A 564 -8.90 18.91 -19.74
C PHE A 564 -8.38 18.55 -18.35
N LEU A 565 -7.16 19.00 -18.05
CA LEU A 565 -6.56 18.73 -16.76
C LEU A 565 -7.40 19.35 -15.64
N SER A 566 -8.02 20.48 -15.93
CA SER A 566 -8.83 21.19 -14.94
C SER A 566 -10.07 20.37 -14.58
N GLN A 567 -10.76 19.86 -15.59
CA GLN A 567 -12.00 19.13 -15.36
C GLN A 567 -11.75 17.79 -14.68
N THR A 568 -10.73 17.06 -15.12
CA THR A 568 -10.39 15.79 -14.49
C THR A 568 -10.00 16.01 -13.03
N LYS A 569 -9.52 17.21 -12.72
CA LYS A 569 -9.17 17.56 -11.35
C LYS A 569 -10.43 17.84 -10.53
N GLN A 570 -11.38 18.57 -11.11
CA GLN A 570 -12.65 18.83 -10.45
C GLN A 570 -13.33 17.51 -10.11
N ALA A 571 -13.24 16.55 -11.04
CA ALA A 571 -13.97 15.30 -10.93
C ALA A 571 -13.30 14.31 -9.97
N GLY A 572 -12.12 14.68 -9.49
CA GLY A 572 -11.44 13.91 -8.47
C GLY A 572 -10.86 12.58 -8.93
N GLU A 573 -10.50 12.50 -10.21
CA GLU A 573 -9.86 11.30 -10.72
C GLU A 573 -8.52 11.06 -10.01
N ASN A 574 -8.34 9.88 -9.48
CA ASN A 574 -7.13 9.51 -8.79
C ASN A 574 -5.90 9.73 -9.66
N PHE A 575 -6.06 9.57 -10.96
CA PHE A 575 -4.98 9.78 -11.92
C PHE A 575 -5.38 10.86 -12.91
N ALA A 576 -5.70 12.03 -12.37
CA ALA A 576 -6.19 13.15 -13.15
C ALA A 576 -5.29 13.48 -14.34
N TYR A 577 -3.98 13.32 -14.16
CA TYR A 577 -3.03 13.68 -15.21
C TYR A 577 -3.00 12.66 -16.35
N LEU A 578 -3.04 11.38 -16.00
CA LEU A 578 -3.03 10.33 -17.02
C LEU A 578 -4.30 10.38 -17.86
N VAL A 579 -5.43 10.66 -17.21
CA VAL A 579 -6.70 10.73 -17.92
C VAL A 579 -6.69 11.94 -18.83
N ALA A 580 -6.44 13.11 -18.26
CA ALA A 580 -6.44 14.34 -19.04
C ALA A 580 -5.49 14.20 -20.23
N TYR A 581 -4.35 13.55 -20.04
CA TYR A 581 -3.40 13.42 -21.13
C TYR A 581 -3.94 12.53 -22.24
N GLN A 582 -4.53 11.39 -21.87
CA GLN A 582 -5.13 10.50 -22.85
C GLN A 582 -6.17 11.25 -23.67
N ALA A 583 -6.87 12.17 -23.03
CA ALA A 583 -7.91 12.94 -23.70
C ALA A 583 -7.33 13.93 -24.71
N THR A 584 -6.15 14.47 -24.43
CA THR A 584 -5.57 15.48 -25.31
C THR A 584 -4.96 14.83 -26.55
N VAL A 585 -4.46 13.60 -26.43
CA VAL A 585 -3.94 12.92 -27.61
C VAL A 585 -5.10 12.56 -28.53
N CYS A 586 -6.18 12.06 -27.95
CA CYS A 586 -7.38 11.71 -28.71
C CYS A 586 -7.89 12.94 -29.47
N ALA A 587 -8.02 14.04 -28.75
CA ALA A 587 -8.51 15.27 -29.35
C ALA A 587 -7.62 15.70 -30.50
N ARG A 588 -6.31 15.76 -30.25
CA ARG A 588 -5.35 16.19 -31.24
C ARG A 588 -5.27 15.20 -32.40
N ALA A 589 -5.81 14.00 -32.21
CA ALA A 589 -5.84 12.98 -33.25
C ALA A 589 -7.20 12.92 -33.93
N LYS A 590 -8.15 13.70 -33.43
CA LYS A 590 -9.52 13.67 -33.94
C LYS A 590 -10.10 12.28 -33.75
N ALA A 591 -9.74 11.64 -32.64
CA ALA A 591 -10.18 10.28 -32.34
C ALA A 591 -10.96 10.25 -31.01
N PRO A 592 -11.81 9.24 -30.83
CA PRO A 592 -12.58 9.12 -29.59
C PRO A 592 -11.77 8.54 -28.44
N PRO A 593 -12.29 8.66 -27.20
CA PRO A 593 -11.61 8.02 -26.06
C PRO A 593 -11.82 6.51 -26.05
N PRO A 594 -11.05 5.78 -25.22
CA PRO A 594 -11.06 4.31 -25.27
C PRO A 594 -12.44 3.73 -24.92
N SER A 595 -13.24 4.51 -24.21
CA SER A 595 -14.63 4.18 -23.96
C SER A 595 -15.40 5.47 -23.73
N TRP A 596 -16.64 5.36 -23.26
CA TRP A 596 -17.44 6.54 -22.97
C TRP A 596 -17.94 6.52 -21.54
N ASP A 597 -17.13 5.93 -20.66
CA ASP A 597 -17.32 6.05 -19.21
C ASP A 597 -17.33 7.53 -18.83
N ALA A 598 -17.77 7.83 -17.61
CA ALA A 598 -17.76 9.20 -17.11
C ALA A 598 -16.31 9.72 -17.04
N MET A 599 -15.37 8.78 -16.94
CA MET A 599 -13.94 9.10 -16.92
C MET A 599 -13.57 10.10 -18.01
N TRP A 600 -14.22 9.95 -19.14
CA TRP A 600 -13.96 10.79 -20.27
C TRP A 600 -14.97 11.89 -20.56
N LYS A 601 -15.64 12.41 -19.55
CA LYS A 601 -16.58 13.50 -19.70
C LYS A 601 -16.04 14.59 -20.60
N CYS A 602 -14.95 15.16 -20.15
CA CYS A 602 -14.28 16.25 -20.83
C CYS A 602 -14.35 16.18 -22.33
N LEU A 603 -14.38 14.99 -22.88
CA LEU A 603 -14.47 14.88 -24.33
C LEU A 603 -15.90 14.80 -24.88
N ALA A 604 -16.86 15.19 -24.05
CA ALA A 604 -18.28 15.06 -24.40
C ALA A 604 -18.66 15.86 -25.63
N ARG A 605 -18.37 17.16 -25.61
CA ARG A 605 -18.83 18.07 -26.66
C ARG A 605 -18.22 17.71 -28.01
N LEU A 606 -17.07 17.04 -28.00
CA LEU A 606 -16.34 16.77 -29.23
C LEU A 606 -16.68 15.40 -29.82
N LYS A 607 -17.55 14.65 -29.14
CA LYS A 607 -17.93 13.32 -29.62
C LYS A 607 -18.27 13.33 -31.11
N PRO A 608 -19.18 14.23 -31.53
CA PRO A 608 -19.58 14.18 -32.94
C PRO A 608 -18.45 14.47 -33.92
N THR A 609 -17.34 15.00 -33.42
CA THR A 609 -16.23 15.40 -34.26
C THR A 609 -15.11 14.37 -34.30
N LEU A 610 -15.24 13.32 -33.49
CA LEU A 610 -14.18 12.32 -33.37
C LEU A 610 -14.61 10.99 -34.00
N ALA A 611 -13.64 10.29 -34.59
CA ALA A 611 -13.90 8.99 -35.20
C ALA A 611 -12.60 8.25 -35.46
N GLY A 612 -12.73 6.99 -35.84
CA GLY A 612 -11.56 6.14 -36.06
C GLY A 612 -11.06 5.55 -34.76
N PRO A 613 -9.92 4.85 -34.81
CA PRO A 613 -9.38 4.16 -33.64
C PRO A 613 -8.72 5.12 -32.65
N THR A 614 -8.77 4.79 -31.37
CA THR A 614 -8.19 5.66 -30.35
C THR A 614 -6.72 5.31 -30.17
N PRO A 615 -5.84 6.33 -30.16
CA PRO A 615 -4.43 6.04 -29.87
C PRO A 615 -4.23 5.73 -28.39
N LEU A 616 -4.14 4.45 -28.07
CA LEU A 616 -4.13 4.00 -26.69
C LEU A 616 -2.72 4.06 -26.10
N LEU A 617 -2.59 4.79 -24.99
CA LEU A 617 -1.30 4.96 -24.31
C LEU A 617 -1.13 3.91 -23.22
N TYR A 618 -2.24 3.64 -22.54
CA TYR A 618 -2.26 2.76 -21.37
C TYR A 618 -3.72 2.50 -21.05
N ARG A 619 -3.98 1.52 -20.19
CA ARG A 619 -5.36 1.15 -19.87
C ARG A 619 -5.75 1.56 -18.46
N LEU A 620 -6.73 2.45 -18.39
CA LEU A 620 -7.25 2.93 -17.11
C LEU A 620 -8.63 2.33 -16.83
N GLY A 621 -9.14 1.55 -17.78
CA GLY A 621 -10.43 0.90 -17.63
C GLY A 621 -10.76 0.08 -18.85
N PRO A 622 -12.00 -0.42 -18.93
CA PRO A 622 -12.44 -1.22 -20.09
C PRO A 622 -12.32 -0.47 -21.41
N ILE A 623 -12.19 -1.23 -22.50
CA ILE A 623 -12.03 -0.66 -23.84
C ILE A 623 -13.25 -0.95 -24.68
N THR A 624 -13.86 0.08 -25.22
CA THR A 624 -15.04 -0.08 -26.02
C THR A 624 -14.78 0.15 -27.50
N ASN A 625 -13.88 1.06 -27.82
CA ASN A 625 -13.61 1.38 -29.19
C ASN A 625 -12.38 0.75 -29.76
N GLU A 626 -12.28 0.81 -31.07
CA GLU A 626 -11.13 0.28 -31.75
C GLU A 626 -9.93 1.07 -31.31
N VAL A 627 -8.80 0.43 -31.27
CA VAL A 627 -7.61 1.13 -30.82
C VAL A 627 -6.44 0.86 -31.74
N THR A 628 -5.62 1.89 -31.93
CA THR A 628 -4.38 1.76 -32.66
C THR A 628 -3.20 1.95 -31.69
N LEU A 629 -2.19 1.11 -31.84
CA LEU A 629 -1.01 1.18 -30.99
C LEU A 629 0.08 2.04 -31.65
N THR A 630 -0.35 3.00 -32.46
CA THR A 630 0.56 3.68 -33.39
C THR A 630 1.17 4.97 -32.84
N HIS A 631 0.46 5.65 -31.94
CA HIS A 631 0.90 6.97 -31.49
C HIS A 631 2.33 6.91 -30.94
N PRO A 632 3.14 7.94 -31.25
CA PRO A 632 4.49 7.95 -30.67
C PRO A 632 4.47 8.01 -29.15
N GLY A 633 3.38 8.53 -28.60
CA GLY A 633 3.17 8.51 -27.16
C GLY A 633 3.14 7.08 -26.64
N THR A 634 2.51 6.20 -27.41
CA THR A 634 2.45 4.79 -27.07
C THR A 634 3.83 4.16 -27.19
N LYS A 635 4.54 4.52 -28.26
CA LYS A 635 5.86 3.96 -28.52
C LYS A 635 6.87 4.44 -27.47
N TYR A 636 6.71 5.67 -26.99
CA TYR A 636 7.59 6.18 -25.94
C TYR A 636 7.42 5.40 -24.64
N ILE A 637 6.18 5.24 -24.21
CA ILE A 637 5.90 4.54 -22.96
C ILE A 637 6.38 3.10 -23.11
N ALA A 638 6.14 2.51 -24.27
CA ALA A 638 6.53 1.13 -24.52
C ALA A 638 8.04 0.95 -24.47
N THR A 639 8.79 1.92 -24.97
CA THR A 639 10.26 1.81 -24.97
C THR A 639 10.82 2.10 -23.59
N CYS A 640 10.06 2.82 -22.76
CA CYS A 640 10.43 3.01 -21.37
C CYS A 640 10.38 1.67 -20.63
N MET A 641 9.53 0.78 -21.10
CA MET A 641 9.35 -0.51 -20.45
C MET A 641 10.38 -1.54 -20.93
N GLN A 642 11.15 -1.18 -21.93
CA GLN A 642 12.23 -2.04 -22.40
C GLN A 642 13.44 -1.89 -21.49
N ALA A 643 13.57 -0.71 -20.88
CA ALA A 643 14.62 -0.49 -19.89
C ALA A 643 14.42 -1.51 -18.76
N ASP A 644 15.51 -1.92 -18.13
CA ASP A 644 15.46 -3.01 -17.17
C ASP A 644 14.51 -2.69 -16.02
N LEU A 645 13.48 -3.53 -15.90
CA LEU A 645 12.39 -3.28 -14.96
C LEU A 645 12.25 -4.47 -14.00
N GLU A 646 12.48 -4.21 -12.72
CA GLU A 646 12.40 -5.25 -11.71
C GLU A 646 10.94 -5.62 -11.42
N VAL A 647 10.59 -6.87 -11.71
CA VAL A 647 9.24 -7.38 -11.44
C VAL A 647 9.29 -8.41 -10.33
N MET A 648 8.55 -8.16 -9.25
CA MET A 648 8.49 -9.10 -8.14
C MET A 648 7.86 -10.41 -8.61
N THR A 649 8.39 -11.52 -8.11
CA THR A 649 7.96 -12.84 -8.54
C THR A 649 7.37 -13.63 -7.38
ZN ZN B . 29.92 -21.51 -2.14
MG MG C . -4.09 13.83 20.07
MG MG D . -2.57 8.08 13.87
#